data_3TIX
#
_entry.id   3TIX
#
_cell.length_a   104.880
_cell.length_b   172.200
_cell.length_c   198.680
_cell.angle_alpha   90.00
_cell.angle_beta   90.00
_cell.angle_gamma   90.00
#
_symmetry.space_group_name_H-M   'C 2 2 21'
#
loop_
_entity.id
_entity.type
_entity.pdbx_description
1 polymer 'Ubiquitin-like protein SMT3,RNA-induced transcriptional silencing complex protein tas3'
2 polymer 'Chromo domain-containing protein 1'
3 non-polymer 'CHLORIDE ION'
4 non-polymer 'POTASSIUM ION'
5 water water
#
loop_
_entity_poly.entity_id
_entity_poly.type
_entity_poly.pdbx_seq_one_letter_code
_entity_poly.pdbx_strand_id
1 'polypeptide(L)'
;MSAWSHPQFEKGGGSGGGSGGSAWSHPQFEKTGSLQDSEVNQEAKPEVKPEVKPETHINLKVSDGSSEIFFKIKKTTPLR
RLMEAFAKRQGKEMDSLTFLYDGIEIQADQTPEDLDMEDNDIIEAHREQIGGLPSLPFLACISDFPENHGTSRRSATVSL
ERVHELFTEHWLSNLKNRREKRQELAEEAVYCRSEMLSQRKLLAAVD
;
A,C
2 'polypeptide(L)'
;MISESEDLSSASTLSDYFRFVLRVGKSLYYAGELSFDISKLKAETEHQQLLRSLVSCKQVDVLRFVTSQYLEVFGTCLTK
VLSGSLCIRSDVDMTHFKNILNRGNGAGIVLGSNYTLLLFTEDNNALMNLYDCQGQSNSPFWMVIFEPLESILVEWSAKN
LRPKKPYHKSQSYLSYLLQLGHIDLHKIGAFQATQILIVSKQPSPEAEELEDTFREAAIPTFRGLEIPESLFLSQNVFVF
LNVSLEDDFDQLQFLTLAKRKSCKFFLFGLSLPLKSPNDSHVGTDFKKNNEPLDKLTYSQYLRPMFPKGGVVSVTLSALI
KTPRLLELISPFLEIKKDSWILILPPSIVDMVKSYFVTNNPDKSLLEIQNLLNTLQRYLTNPALKNVTLYQDWDIVIDDS
ADVSLASTLQLYQKKNYDKYRRFVLIHELKNELTPVNGLDIVDYDEFKETFMRAIGLK
;
B,D
#
# COMPACT_ATOMS: atom_id res chain seq x y z
N GLU A 55 -46.52 -7.09 4.30
CA GLU A 55 -47.09 -5.93 5.05
C GLU A 55 -46.11 -4.77 5.12
N THR A 56 -45.03 -4.97 5.87
CA THR A 56 -44.05 -3.91 6.11
C THR A 56 -42.81 -4.06 5.22
N HIS A 57 -42.40 -5.30 4.98
CA HIS A 57 -41.23 -5.56 4.16
C HIS A 57 -41.59 -6.30 2.88
N ILE A 58 -40.68 -6.28 1.91
CA ILE A 58 -40.85 -7.05 0.67
C ILE A 58 -39.55 -7.70 0.25
N ASN A 59 -39.66 -8.80 -0.49
CA ASN A 59 -38.51 -9.49 -1.02
C ASN A 59 -38.26 -9.07 -2.47
N LEU A 60 -37.06 -8.60 -2.76
CA LEU A 60 -36.71 -8.17 -4.10
C LEU A 60 -35.53 -8.97 -4.65
N LYS A 61 -35.48 -9.11 -5.97
CA LYS A 61 -34.40 -9.85 -6.62
C LYS A 61 -33.61 -8.95 -7.56
N VAL A 62 -32.39 -8.61 -7.17
CA VAL A 62 -31.49 -7.88 -8.05
C VAL A 62 -30.65 -8.85 -8.84
N SER A 63 -30.67 -8.73 -10.16
CA SER A 63 -29.96 -9.67 -11.03
C SER A 63 -29.31 -8.96 -12.21
N ASP A 64 -28.14 -9.45 -12.61
CA ASP A 64 -27.45 -8.94 -13.78
C ASP A 64 -27.38 -10.03 -14.84
N GLY A 65 -28.30 -11.00 -14.76
CA GLY A 65 -28.39 -12.07 -15.73
C GLY A 65 -27.62 -13.31 -15.34
N SER A 66 -26.56 -13.14 -14.54
CA SER A 66 -25.70 -14.26 -14.16
C SER A 66 -25.76 -14.55 -12.67
N SER A 67 -25.96 -13.52 -11.86
CA SER A 67 -26.00 -13.66 -10.41
C SER A 67 -27.22 -12.95 -9.82
N GLU A 68 -27.92 -13.63 -8.92
CA GLU A 68 -29.11 -13.06 -8.29
C GLU A 68 -28.90 -12.87 -6.79
N ILE A 69 -29.44 -11.77 -6.26
CA ILE A 69 -29.39 -11.50 -4.84
C ILE A 69 -30.76 -11.04 -4.35
N PHE A 70 -31.17 -11.56 -3.19
CA PHE A 70 -32.47 -11.22 -2.63
C PHE A 70 -32.32 -10.22 -1.50
N PHE A 71 -33.29 -9.31 -1.38
CA PHE A 71 -33.25 -8.28 -0.36
C PHE A 71 -34.55 -8.17 0.42
N LYS A 72 -34.43 -7.98 1.73
CA LYS A 72 -35.58 -7.71 2.59
C LYS A 72 -35.48 -6.29 3.12
N ILE A 73 -36.33 -5.40 2.61
CA ILE A 73 -36.26 -4.00 2.99
C ILE A 73 -37.64 -3.38 3.17
N LYS A 74 -37.74 -2.43 4.09
CA LYS A 74 -38.96 -1.65 4.27
C LYS A 74 -39.34 -0.98 2.96
N LYS A 75 -40.63 -0.84 2.72
CA LYS A 75 -41.13 -0.15 1.53
C LYS A 75 -40.91 1.36 1.67
N THR A 76 -40.54 1.80 2.87
CA THR A 76 -40.44 3.22 3.16
C THR A 76 -39.00 3.73 3.19
N THR A 77 -38.05 2.86 2.83
CA THR A 77 -36.64 3.23 2.83
C THR A 77 -36.09 3.42 1.41
N PRO A 78 -35.23 4.42 1.23
CA PRO A 78 -34.61 4.69 -0.08
C PRO A 78 -33.77 3.52 -0.57
N LEU A 79 -33.84 3.24 -1.87
CA LEU A 79 -33.14 2.11 -2.46
C LEU A 79 -31.63 2.32 -2.53
N ARG A 80 -31.17 3.48 -2.07
CA ARG A 80 -29.75 3.80 -2.11
C ARG A 80 -28.91 2.70 -1.47
N ARG A 81 -29.39 2.16 -0.36
CA ARG A 81 -28.66 1.13 0.37
C ARG A 81 -28.63 -0.18 -0.42
N LEU A 82 -29.74 -0.53 -1.04
CA LEU A 82 -29.85 -1.77 -1.79
C LEU A 82 -28.95 -1.73 -3.02
N MET A 83 -28.90 -0.59 -3.67
CA MET A 83 -28.09 -0.42 -4.88
C MET A 83 -26.60 -0.39 -4.54
N GLU A 84 -26.25 0.29 -3.46
CA GLU A 84 -24.86 0.43 -3.06
C GLU A 84 -24.35 -0.89 -2.47
N ALA A 85 -25.26 -1.70 -1.96
CA ALA A 85 -24.91 -3.02 -1.42
C ALA A 85 -24.56 -3.97 -2.56
N PHE A 86 -25.46 -4.06 -3.54
CA PHE A 86 -25.23 -4.90 -4.70
C PHE A 86 -23.91 -4.53 -5.38
N ALA A 87 -23.71 -3.24 -5.57
CA ALA A 87 -22.49 -2.74 -6.21
C ALA A 87 -21.24 -3.22 -5.47
N LYS A 88 -21.30 -3.24 -4.14
CA LYS A 88 -20.16 -3.61 -3.33
C LYS A 88 -19.73 -5.05 -3.59
N ARG A 89 -20.69 -5.96 -3.70
CA ARG A 89 -20.40 -7.38 -3.90
C ARG A 89 -19.68 -7.62 -5.23
N GLN A 90 -19.72 -6.62 -6.11
CA GLN A 90 -19.04 -6.71 -7.41
C GLN A 90 -17.86 -5.74 -7.48
N GLY A 91 -17.42 -5.25 -6.32
CA GLY A 91 -16.32 -4.31 -6.26
C GLY A 91 -16.58 -3.07 -7.09
N LYS A 92 -17.85 -2.84 -7.41
CA LYS A 92 -18.24 -1.72 -8.26
C LYS A 92 -18.78 -0.56 -7.43
N GLU A 93 -18.64 0.65 -7.95
CA GLU A 93 -19.32 1.81 -7.38
C GLU A 93 -20.78 1.73 -7.77
N MET A 94 -21.65 2.40 -7.02
CA MET A 94 -23.08 2.35 -7.28
C MET A 94 -23.40 3.01 -8.62
N ASP A 95 -22.59 4.01 -9.00
CA ASP A 95 -22.82 4.75 -10.23
C ASP A 95 -22.27 4.01 -11.45
N SER A 96 -21.49 2.97 -11.20
CA SER A 96 -20.90 2.19 -12.28
C SER A 96 -21.93 1.23 -12.89
N LEU A 97 -23.07 1.10 -12.21
CA LEU A 97 -24.15 0.24 -12.70
C LEU A 97 -25.40 1.06 -13.02
N THR A 98 -26.40 0.38 -13.57
CA THR A 98 -27.70 0.99 -13.84
C THR A 98 -28.81 0.03 -13.46
N PHE A 99 -29.55 0.37 -12.40
CA PHE A 99 -30.67 -0.44 -11.96
C PHE A 99 -31.95 0.05 -12.61
N LEU A 100 -32.76 -0.87 -13.12
CA LEU A 100 -34.03 -0.51 -13.73
C LEU A 100 -35.12 -1.53 -13.43
N TYR A 101 -36.28 -1.04 -13.02
CA TYR A 101 -37.43 -1.88 -12.71
C TYR A 101 -38.56 -1.59 -13.69
N ASP A 102 -38.95 -2.62 -14.45
CA ASP A 102 -39.99 -2.48 -15.46
C ASP A 102 -39.61 -1.43 -16.51
N GLY A 103 -38.40 -1.53 -17.04
CA GLY A 103 -37.97 -0.69 -18.14
C GLY A 103 -37.49 0.69 -17.72
N ILE A 104 -38.01 1.19 -16.60
CA ILE A 104 -37.62 2.51 -16.13
C ILE A 104 -36.42 2.41 -15.18
N GLU A 105 -35.58 3.44 -15.18
CA GLU A 105 -34.43 3.47 -14.30
C GLU A 105 -34.85 3.91 -12.89
N ILE A 106 -33.98 3.69 -11.92
CA ILE A 106 -34.27 4.03 -10.53
C ILE A 106 -33.17 4.93 -9.95
N GLN A 107 -33.58 6.02 -9.31
CA GLN A 107 -32.64 6.93 -8.66
C GLN A 107 -32.41 6.51 -7.21
N ALA A 108 -31.45 7.16 -6.55
CA ALA A 108 -31.00 6.73 -5.23
C ALA A 108 -31.95 7.13 -4.10
N ASP A 109 -33.04 7.81 -4.43
CA ASP A 109 -33.98 8.29 -3.40
C ASP A 109 -35.35 7.64 -3.52
N GLN A 110 -35.65 7.09 -4.69
CA GLN A 110 -36.93 6.41 -4.89
C GLN A 110 -37.04 5.20 -3.99
N THR A 111 -38.20 5.02 -3.38
CA THR A 111 -38.43 3.89 -2.48
C THR A 111 -39.39 2.88 -3.12
N PRO A 112 -39.40 1.65 -2.60
CA PRO A 112 -40.34 0.63 -3.09
C PRO A 112 -41.78 1.11 -2.98
N GLU A 113 -42.01 2.10 -2.12
CA GLU A 113 -43.33 2.69 -1.96
C GLU A 113 -43.66 3.57 -3.16
N ASP A 114 -42.63 4.28 -3.64
CA ASP A 114 -42.79 5.13 -4.81
C ASP A 114 -43.09 4.30 -6.06
N LEU A 115 -42.16 3.42 -6.41
CA LEU A 115 -42.32 2.56 -7.57
C LEU A 115 -43.49 1.60 -7.42
N ASP A 116 -44.07 1.55 -6.22
CA ASP A 116 -45.15 0.62 -5.94
C ASP A 116 -44.71 -0.81 -6.29
N MET A 117 -43.54 -1.20 -5.80
CA MET A 117 -43.02 -2.53 -6.03
C MET A 117 -43.80 -3.55 -5.23
N GLU A 118 -43.83 -4.79 -5.73
CA GLU A 118 -44.60 -5.85 -5.11
C GLU A 118 -43.69 -7.00 -4.69
N ASP A 119 -44.16 -7.79 -3.73
CA ASP A 119 -43.35 -8.88 -3.18
C ASP A 119 -42.84 -9.80 -4.29
N ASN A 120 -41.57 -10.18 -4.20
CA ASN A 120 -40.97 -11.10 -5.14
C ASN A 120 -40.72 -10.48 -6.52
N ASP A 121 -40.57 -9.17 -6.57
CA ASP A 121 -40.30 -8.48 -7.83
C ASP A 121 -38.81 -8.49 -8.17
N ILE A 122 -38.47 -7.96 -9.34
CA ILE A 122 -37.09 -8.01 -9.82
C ILE A 122 -36.56 -6.63 -10.21
N ILE A 123 -35.25 -6.45 -10.01
CA ILE A 123 -34.57 -5.25 -10.46
C ILE A 123 -33.35 -5.66 -11.29
N GLU A 124 -33.31 -5.20 -12.53
CA GLU A 124 -32.21 -5.56 -13.42
C GLU A 124 -31.06 -4.58 -13.32
N ALA A 125 -29.88 -5.09 -12.98
CA ALA A 125 -28.66 -4.28 -12.95
C ALA A 125 -27.92 -4.49 -14.26
N HIS A 126 -27.48 -3.40 -14.87
CA HIS A 126 -26.80 -3.47 -16.16
C HIS A 126 -25.45 -2.78 -16.12
N ARG A 127 -24.39 -3.58 -16.25
CA ARG A 127 -23.03 -3.07 -16.35
C ARG A 127 -22.89 -2.28 -17.65
N GLU A 128 -22.09 -1.23 -17.62
CA GLU A 128 -21.81 -0.45 -18.81
C GLU A 128 -20.96 -1.27 -19.77
N GLN A 129 -21.36 -1.31 -21.04
CA GLN A 129 -20.70 -2.15 -22.03
C GLN A 129 -19.18 -1.96 -22.04
N ILE A 130 -18.46 -3.04 -22.28
CA ILE A 130 -17.01 -3.03 -22.22
C ILE A 130 -16.40 -3.01 -23.63
N GLY A 131 -15.82 -1.88 -24.00
CA GLY A 131 -15.22 -1.72 -25.32
C GLY A 131 -16.10 -2.35 -26.38
N GLY A 132 -15.49 -3.11 -27.28
CA GLY A 132 -16.23 -3.82 -28.31
C GLY A 132 -16.31 -5.30 -28.02
N LEU A 133 -16.31 -5.65 -26.74
CA LEU A 133 -16.32 -7.05 -26.32
C LEU A 133 -17.40 -7.87 -27.01
N PRO A 134 -18.63 -7.34 -27.11
CA PRO A 134 -19.71 -8.14 -27.70
C PRO A 134 -19.54 -8.43 -29.18
N SER A 135 -18.70 -7.66 -29.87
CA SER A 135 -18.55 -7.80 -31.32
C SER A 135 -17.44 -8.79 -31.71
N LEU A 136 -16.68 -9.26 -30.72
CA LEU A 136 -15.47 -10.04 -30.98
C LEU A 136 -15.69 -11.25 -31.90
N PRO A 137 -16.63 -12.14 -31.54
CA PRO A 137 -16.82 -13.34 -32.36
C PRO A 137 -17.22 -13.02 -33.80
N PHE A 138 -17.99 -11.95 -33.99
CA PHE A 138 -18.38 -11.53 -35.32
C PHE A 138 -17.17 -11.08 -36.12
N LEU A 139 -16.22 -10.43 -35.45
CA LEU A 139 -15.00 -9.96 -36.11
C LEU A 139 -14.18 -11.14 -36.58
N ALA A 140 -14.29 -12.26 -35.89
CA ALA A 140 -13.51 -13.45 -36.21
C ALA A 140 -14.13 -14.24 -37.37
N CYS A 141 -15.45 -14.19 -37.48
CA CYS A 141 -16.16 -14.93 -38.52
C CYS A 141 -15.85 -14.38 -39.91
N ILE A 142 -15.64 -13.07 -40.01
CA ILE A 142 -15.32 -12.44 -41.28
C ILE A 142 -14.08 -13.07 -41.89
N SER A 143 -14.08 -13.22 -43.21
CA SER A 143 -12.99 -13.88 -43.91
C SER A 143 -12.86 -13.31 -45.32
N ASP A 144 -11.91 -13.85 -46.08
CA ASP A 144 -11.74 -13.43 -47.46
C ASP A 144 -12.91 -13.90 -48.31
N PHE A 145 -13.22 -13.14 -49.36
CA PHE A 145 -14.29 -13.50 -50.27
C PHE A 145 -13.97 -14.81 -50.96
N PRO A 146 -14.86 -15.80 -50.84
CA PRO A 146 -14.59 -17.16 -51.32
C PRO A 146 -14.52 -17.27 -52.84
N GLU A 147 -13.34 -16.96 -53.40
CA GLU A 147 -13.11 -17.11 -54.82
C GLU A 147 -12.91 -18.58 -55.16
N ASN A 148 -12.02 -19.24 -54.42
CA ASN A 148 -11.76 -20.66 -54.61
C ASN A 148 -12.02 -21.45 -53.33
N HIS A 149 -11.43 -20.97 -52.23
CA HIS A 149 -11.51 -21.67 -50.96
C HIS A 149 -12.83 -21.40 -50.23
N GLY A 150 -13.10 -22.18 -49.20
CA GLY A 150 -14.26 -21.97 -48.35
C GLY A 150 -13.86 -21.93 -46.89
N THR A 151 -14.54 -21.09 -46.11
CA THR A 151 -14.24 -20.94 -44.69
C THR A 151 -14.48 -22.25 -43.94
N SER A 152 -13.72 -22.45 -42.87
CA SER A 152 -13.87 -23.62 -42.02
C SER A 152 -14.28 -23.21 -40.61
N ARG A 153 -15.08 -24.04 -39.95
CA ARG A 153 -15.53 -23.75 -38.59
C ARG A 153 -14.32 -23.71 -37.66
N ARG A 154 -13.30 -24.50 -37.98
CA ARG A 154 -12.05 -24.49 -37.24
C ARG A 154 -11.28 -23.20 -37.53
N SER A 155 -11.40 -22.71 -38.76
CA SER A 155 -10.76 -21.47 -39.16
C SER A 155 -11.37 -20.27 -38.43
N ALA A 156 -12.60 -20.45 -37.97
CA ALA A 156 -13.30 -19.38 -37.25
C ALA A 156 -12.89 -19.35 -35.78
N THR A 157 -12.78 -20.54 -35.18
CA THR A 157 -12.36 -20.63 -33.79
C THR A 157 -10.91 -20.15 -33.64
N VAL A 158 -10.07 -20.54 -34.59
CA VAL A 158 -8.68 -20.09 -34.60
C VAL A 158 -8.61 -18.59 -34.75
N SER A 159 -9.53 -18.03 -35.53
CA SER A 159 -9.63 -16.58 -35.67
C SER A 159 -10.07 -15.95 -34.35
N LEU A 160 -11.06 -16.57 -33.71
CA LEU A 160 -11.58 -16.08 -32.45
C LEU A 160 -10.46 -16.04 -31.40
N GLU A 161 -9.54 -17.01 -31.48
CA GLU A 161 -8.39 -17.03 -30.60
C GLU A 161 -7.56 -15.76 -30.79
N ARG A 162 -7.30 -15.41 -32.04
CA ARG A 162 -6.50 -14.22 -32.35
C ARG A 162 -7.23 -12.95 -31.92
N VAL A 163 -8.54 -12.92 -32.11
CA VAL A 163 -9.35 -11.76 -31.73
C VAL A 163 -9.40 -11.62 -30.21
N HIS A 164 -9.56 -12.75 -29.51
CA HIS A 164 -9.55 -12.75 -28.05
C HIS A 164 -8.20 -12.27 -27.53
N GLU A 165 -7.14 -12.61 -28.26
CA GLU A 165 -5.79 -12.21 -27.89
C GLU A 165 -5.61 -10.70 -28.05
N LEU A 166 -6.01 -10.19 -29.21
CA LEU A 166 -5.89 -8.76 -29.50
C LEU A 166 -6.67 -7.94 -28.46
N PHE A 167 -7.88 -8.39 -28.16
CA PHE A 167 -8.73 -7.69 -27.20
C PHE A 167 -8.09 -7.65 -25.82
N THR A 168 -7.56 -8.79 -25.38
CA THR A 168 -6.91 -8.88 -24.07
C THR A 168 -5.72 -7.92 -24.00
N GLU A 169 -4.76 -8.13 -24.89
CA GLU A 169 -3.57 -7.28 -24.94
C GLU A 169 -3.94 -5.79 -24.93
N HIS A 170 -5.06 -5.45 -25.57
CA HIS A 170 -5.50 -4.06 -25.62
C HIS A 170 -6.11 -3.62 -24.30
N TRP A 171 -6.88 -4.52 -23.68
CA TRP A 171 -7.51 -4.23 -22.41
C TRP A 171 -6.47 -4.01 -21.31
N LEU A 172 -5.46 -4.89 -21.28
CA LEU A 172 -4.38 -4.79 -20.29
C LEU A 172 -3.58 -3.52 -20.50
N SER A 173 -3.23 -3.25 -21.75
CA SER A 173 -2.44 -2.07 -22.09
C SER A 173 -3.20 -0.80 -21.73
N ASN A 174 -4.53 -0.91 -21.72
CA ASN A 174 -5.41 0.24 -21.48
C ASN A 174 -5.53 0.58 -20.00
N LEU A 175 -4.93 -0.23 -19.14
CA LEU A 175 -5.10 -0.10 -17.70
C LEU A 175 -4.54 1.21 -17.12
N LYS A 176 -3.56 1.80 -17.79
CA LYS A 176 -3.01 3.08 -17.34
C LYS A 176 -4.08 4.15 -17.41
N ASN A 177 -4.89 4.09 -18.45
CA ASN A 177 -5.93 5.09 -18.69
C ASN A 177 -7.16 4.86 -17.81
N ARG A 178 -7.14 3.78 -17.05
CA ARG A 178 -8.26 3.43 -16.18
C ARG A 178 -8.13 4.12 -14.82
N ARG A 179 -9.21 4.78 -14.40
CA ARG A 179 -9.23 5.48 -13.11
C ARG A 179 -9.81 4.60 -12.02
N GLU A 180 -10.41 3.47 -12.41
CA GLU A 180 -11.02 2.56 -11.45
C GLU A 180 -10.00 1.97 -10.49
N LYS A 181 -10.49 1.38 -9.40
CA LYS A 181 -9.64 0.76 -8.40
C LYS A 181 -9.26 -0.66 -8.84
N ARG A 182 -8.28 -1.25 -8.16
CA ARG A 182 -7.81 -2.59 -8.48
C ARG A 182 -8.96 -3.60 -8.37
N GLN A 183 -9.68 -3.54 -7.26
CA GLN A 183 -10.75 -4.48 -6.96
C GLN A 183 -11.82 -4.50 -8.06
N GLU A 184 -12.09 -3.34 -8.66
CA GLU A 184 -13.14 -3.23 -9.67
C GLU A 184 -12.65 -3.72 -11.03
N LEU A 185 -11.40 -3.41 -11.36
CA LEU A 185 -10.81 -3.84 -12.62
C LEU A 185 -10.63 -5.35 -12.65
N ALA A 186 -10.45 -5.95 -11.47
CA ALA A 186 -10.26 -7.39 -11.36
C ALA A 186 -11.55 -8.12 -11.73
N GLU A 187 -12.66 -7.68 -11.15
CA GLU A 187 -13.96 -8.29 -11.43
C GLU A 187 -14.30 -8.15 -12.91
N GLU A 188 -13.81 -7.09 -13.53
CA GLU A 188 -14.07 -6.84 -14.94
C GLU A 188 -13.27 -7.80 -15.83
N ALA A 189 -11.99 -7.95 -15.51
CA ALA A 189 -11.13 -8.86 -16.26
C ALA A 189 -11.71 -10.26 -16.24
N VAL A 190 -12.25 -10.66 -15.08
CA VAL A 190 -12.86 -11.97 -14.94
C VAL A 190 -14.16 -12.03 -15.72
N TYR A 191 -14.89 -10.91 -15.76
CA TYR A 191 -16.11 -10.83 -16.54
C TYR A 191 -15.81 -10.98 -18.03
N CYS A 192 -14.76 -10.30 -18.48
CA CYS A 192 -14.35 -10.37 -19.88
C CYS A 192 -14.02 -11.80 -20.28
N ARG A 193 -13.25 -12.49 -19.44
CA ARG A 193 -12.81 -13.85 -19.75
C ARG A 193 -13.97 -14.83 -19.79
N SER A 194 -14.94 -14.66 -18.90
CA SER A 194 -16.10 -15.56 -18.87
C SER A 194 -16.98 -15.31 -20.08
N GLU A 195 -16.98 -14.07 -20.56
CA GLU A 195 -17.76 -13.69 -21.72
C GLU A 195 -17.10 -14.26 -22.97
N MET A 196 -15.78 -14.08 -23.07
CA MET A 196 -15.02 -14.61 -24.19
C MET A 196 -15.15 -16.13 -24.25
N LEU A 197 -15.16 -16.76 -23.08
CA LEU A 197 -15.34 -18.21 -23.00
C LEU A 197 -16.70 -18.59 -23.57
N SER A 198 -17.71 -17.80 -23.24
CA SER A 198 -19.07 -18.04 -23.70
C SER A 198 -19.15 -17.90 -25.22
N GLN A 199 -18.42 -16.94 -25.76
CA GLN A 199 -18.36 -16.72 -27.20
C GLN A 199 -17.78 -17.93 -27.91
N ARG A 200 -16.74 -18.52 -27.31
CA ARG A 200 -16.10 -19.70 -27.87
C ARG A 200 -17.07 -20.88 -27.94
N LYS A 201 -17.79 -21.11 -26.84
CA LYS A 201 -18.74 -22.22 -26.77
C LYS A 201 -19.87 -22.03 -27.77
N LEU A 202 -20.23 -20.78 -28.03
CA LEU A 202 -21.32 -20.47 -28.95
C LEU A 202 -20.87 -20.64 -30.39
N LEU A 203 -19.62 -20.32 -30.67
CA LEU A 203 -19.07 -20.46 -32.02
C LEU A 203 -18.97 -21.93 -32.42
N ALA A 204 -18.53 -22.76 -31.47
CA ALA A 204 -18.37 -24.18 -31.71
C ALA A 204 -19.71 -24.90 -31.75
N ALA A 205 -20.76 -24.22 -31.29
CA ALA A 205 -22.09 -24.81 -31.25
C ALA A 205 -22.82 -24.63 -32.59
N VAL A 206 -22.35 -23.70 -33.41
CA VAL A 206 -22.96 -23.48 -34.71
C VAL A 206 -23.18 -24.80 -35.44
N ASP A 207 -24.43 -25.08 -35.77
CA ASP A 207 -24.81 -26.33 -36.40
C ASP A 207 -24.58 -26.28 -37.91
N THR B 13 -26.28 16.56 -55.34
CA THR B 13 -27.11 16.44 -54.15
C THR B 13 -28.57 16.18 -54.50
N LEU B 14 -28.94 16.51 -55.73
CA LEU B 14 -30.30 16.29 -56.22
C LEU B 14 -30.55 14.80 -56.50
N SER B 15 -29.47 14.02 -56.55
CA SER B 15 -29.57 12.60 -56.82
C SER B 15 -30.21 11.88 -55.63
N ASP B 16 -31.08 10.92 -55.93
CA ASP B 16 -31.67 10.08 -54.89
C ASP B 16 -30.91 8.76 -54.79
N TYR B 17 -29.91 8.59 -55.66
CA TYR B 17 -29.26 7.29 -55.81
C TYR B 17 -27.79 7.30 -55.40
N PHE B 18 -27.40 6.25 -54.70
CA PHE B 18 -26.00 5.97 -54.43
C PHE B 18 -25.47 5.07 -55.54
N ARG B 19 -24.64 5.65 -56.42
CA ARG B 19 -24.18 4.95 -57.61
C ARG B 19 -22.68 4.67 -57.53
N PHE B 20 -22.30 3.44 -57.80
CA PHE B 20 -20.91 3.03 -57.64
C PHE B 20 -20.51 1.87 -58.55
N VAL B 21 -19.21 1.72 -58.76
CA VAL B 21 -18.66 0.58 -59.46
C VAL B 21 -18.35 -0.52 -58.46
N LEU B 22 -18.75 -1.74 -58.76
CA LEU B 22 -18.57 -2.86 -57.85
C LEU B 22 -17.43 -3.76 -58.32
N ARG B 23 -16.35 -3.80 -57.52
CA ARG B 23 -15.23 -4.68 -57.81
C ARG B 23 -15.14 -5.73 -56.71
N VAL B 24 -14.54 -6.87 -57.03
CA VAL B 24 -14.58 -8.02 -56.11
C VAL B 24 -13.24 -8.74 -55.98
N GLY B 25 -13.01 -9.30 -54.81
CA GLY B 25 -11.88 -10.21 -54.59
C GLY B 25 -10.50 -9.60 -54.75
N LYS B 26 -9.49 -10.45 -54.66
CA LYS B 26 -8.10 -10.03 -54.76
C LYS B 26 -7.75 -9.57 -56.17
N SER B 27 -8.50 -10.07 -57.16
CA SER B 27 -8.28 -9.67 -58.54
C SER B 27 -8.95 -8.34 -58.84
N LEU B 28 -9.83 -7.91 -57.93
CA LEU B 28 -10.56 -6.67 -58.11
C LEU B 28 -11.19 -6.60 -59.50
N TYR B 29 -11.82 -7.69 -59.91
CA TYR B 29 -12.50 -7.73 -61.19
C TYR B 29 -13.80 -6.94 -61.13
N TYR B 30 -14.16 -6.31 -62.23
CA TYR B 30 -15.35 -5.45 -62.27
C TYR B 30 -16.61 -6.27 -62.48
N ALA B 31 -17.51 -6.20 -61.50
CA ALA B 31 -18.78 -6.92 -61.57
C ALA B 31 -19.84 -6.08 -62.29
N GLY B 32 -19.84 -4.78 -62.05
CA GLY B 32 -20.77 -3.88 -62.72
C GLY B 32 -21.00 -2.58 -61.97
N GLU B 33 -21.82 -1.72 -62.57
CA GLU B 33 -22.19 -0.46 -61.94
C GLU B 33 -23.61 -0.55 -61.38
N LEU B 34 -23.76 -0.23 -60.10
CA LEU B 34 -25.05 -0.40 -59.42
C LEU B 34 -25.55 0.90 -58.82
N SER B 35 -26.84 0.93 -58.49
CA SER B 35 -27.45 2.07 -57.83
C SER B 35 -28.25 1.61 -56.62
N PHE B 36 -28.30 2.46 -55.60
CA PHE B 36 -29.04 2.14 -54.38
C PHE B 36 -29.85 3.36 -53.94
N ASP B 37 -31.16 3.18 -53.78
CA ASP B 37 -32.04 4.27 -53.42
C ASP B 37 -31.79 4.71 -51.98
N ILE B 38 -31.33 5.94 -51.82
CA ILE B 38 -31.03 6.49 -50.49
C ILE B 38 -31.97 7.65 -50.13
N SER B 39 -33.05 7.80 -50.89
CA SER B 39 -33.98 8.91 -50.68
C SER B 39 -34.62 8.86 -49.29
N LYS B 40 -34.68 7.67 -48.71
CA LYS B 40 -35.25 7.49 -47.38
C LYS B 40 -34.27 7.97 -46.31
N LEU B 41 -33.04 8.25 -46.73
CA LEU B 41 -31.99 8.67 -45.81
C LEU B 41 -31.84 10.19 -45.82
N LYS B 42 -32.36 10.82 -46.86
CA LYS B 42 -32.28 12.28 -47.00
C LYS B 42 -33.29 12.99 -46.11
N ALA B 43 -34.40 12.32 -45.82
CA ALA B 43 -35.40 12.88 -44.92
C ALA B 43 -34.88 12.85 -43.49
N GLU B 44 -34.13 11.81 -43.14
CA GLU B 44 -33.54 11.68 -41.82
C GLU B 44 -32.53 12.80 -41.58
N THR B 45 -32.11 12.94 -40.33
CA THR B 45 -31.15 13.98 -39.95
C THR B 45 -29.98 13.42 -39.15
N GLU B 46 -30.10 12.18 -38.70
CA GLU B 46 -29.11 11.59 -37.80
C GLU B 46 -27.86 11.12 -38.54
N HIS B 47 -28.01 10.75 -39.80
CA HIS B 47 -26.94 10.12 -40.55
C HIS B 47 -26.44 10.99 -41.70
N GLN B 48 -26.38 12.30 -41.50
CA GLN B 48 -25.84 13.20 -42.50
C GLN B 48 -24.38 12.88 -42.78
N GLN B 49 -23.60 12.72 -41.71
CA GLN B 49 -22.19 12.35 -41.83
C GLN B 49 -22.03 11.09 -42.66
N LEU B 50 -22.97 10.15 -42.49
CA LEU B 50 -22.94 8.89 -43.20
C LEU B 50 -23.32 9.07 -44.66
N LEU B 51 -24.43 9.77 -44.89
CA LEU B 51 -24.95 9.96 -46.23
C LEU B 51 -23.95 10.69 -47.13
N ARG B 52 -23.30 11.71 -46.59
CA ARG B 52 -22.31 12.46 -47.34
C ARG B 52 -21.20 11.54 -47.86
N SER B 53 -20.81 10.57 -47.04
CA SER B 53 -19.79 9.60 -47.42
C SER B 53 -20.31 8.67 -48.51
N LEU B 54 -21.53 8.19 -48.35
CA LEU B 54 -22.15 7.32 -49.34
C LEU B 54 -22.17 7.97 -50.72
N VAL B 55 -22.51 9.24 -50.77
CA VAL B 55 -22.66 9.94 -52.04
C VAL B 55 -21.32 10.13 -52.74
N SER B 56 -20.32 10.62 -52.01
CA SER B 56 -19.01 10.88 -52.60
C SER B 56 -18.31 9.58 -52.98
N CYS B 57 -18.82 8.46 -52.47
CA CYS B 57 -18.28 7.15 -52.84
C CYS B 57 -18.69 6.79 -54.26
N LYS B 58 -17.71 6.39 -55.07
CA LYS B 58 -17.97 6.03 -56.46
C LYS B 58 -17.48 4.62 -56.79
N GLN B 59 -16.91 3.95 -55.80
CA GLN B 59 -16.39 2.60 -56.00
C GLN B 59 -16.44 1.80 -54.70
N VAL B 60 -16.82 0.53 -54.81
CA VAL B 60 -16.91 -0.35 -53.65
C VAL B 60 -16.19 -1.66 -53.90
N ASP B 61 -15.15 -1.93 -53.13
CA ASP B 61 -14.38 -3.15 -53.26
C ASP B 61 -14.80 -4.18 -52.22
N VAL B 62 -15.52 -5.21 -52.66
CA VAL B 62 -15.93 -6.29 -51.79
C VAL B 62 -14.83 -7.34 -51.69
N LEU B 63 -14.10 -7.32 -50.58
CA LEU B 63 -12.96 -8.22 -50.41
C LEU B 63 -13.19 -9.24 -49.30
N ARG B 64 -14.12 -8.94 -48.40
CA ARG B 64 -14.39 -9.80 -47.26
C ARG B 64 -15.76 -10.44 -47.37
N PHE B 65 -16.00 -11.46 -46.56
CA PHE B 65 -17.22 -12.26 -46.66
C PHE B 65 -17.59 -12.85 -45.30
N VAL B 66 -18.88 -13.04 -45.06
CA VAL B 66 -19.35 -13.67 -43.82
C VAL B 66 -20.60 -14.50 -44.10
N THR B 67 -20.63 -15.71 -43.54
CA THR B 67 -21.73 -16.64 -43.81
C THR B 67 -23.02 -16.15 -43.17
N SER B 68 -24.15 -16.62 -43.69
CA SER B 68 -25.45 -16.23 -43.17
C SER B 68 -25.61 -16.66 -41.72
N GLN B 69 -25.23 -17.91 -41.41
CA GLN B 69 -25.40 -18.44 -40.07
C GLN B 69 -24.65 -17.60 -39.03
N TYR B 70 -23.44 -17.17 -39.37
CA TYR B 70 -22.66 -16.33 -38.47
C TYR B 70 -23.33 -14.97 -38.26
N LEU B 71 -24.00 -14.47 -39.29
CA LEU B 71 -24.70 -13.19 -39.19
C LEU B 71 -25.91 -13.28 -38.27
N GLU B 72 -26.65 -14.39 -38.38
CA GLU B 72 -27.83 -14.60 -37.56
C GLU B 72 -27.48 -14.67 -36.07
N VAL B 73 -26.28 -15.15 -35.76
CA VAL B 73 -25.90 -15.40 -34.38
C VAL B 73 -25.03 -14.30 -33.77
N PHE B 74 -24.06 -13.81 -34.54
CA PHE B 74 -23.12 -12.81 -34.03
C PHE B 74 -23.25 -11.46 -34.72
N GLY B 75 -24.36 -11.26 -35.44
CA GLY B 75 -24.52 -10.06 -36.24
C GLY B 75 -25.30 -8.94 -35.56
N THR B 76 -25.73 -9.16 -34.33
CA THR B 76 -26.58 -8.18 -33.65
C THR B 76 -25.79 -6.95 -33.20
N CYS B 77 -24.47 -7.05 -33.21
CA CYS B 77 -23.62 -5.91 -32.84
C CYS B 77 -23.66 -4.83 -33.92
N LEU B 78 -24.18 -5.18 -35.09
CA LEU B 78 -24.36 -4.23 -36.17
C LEU B 78 -25.63 -3.43 -35.98
N THR B 79 -25.59 -2.15 -36.36
CA THR B 79 -26.74 -1.27 -36.24
C THR B 79 -27.30 -0.94 -37.61
N LYS B 80 -28.43 -1.54 -37.96
CA LYS B 80 -29.02 -1.38 -39.29
C LYS B 80 -29.50 0.05 -39.52
N VAL B 81 -29.18 0.60 -40.68
CA VAL B 81 -29.60 1.93 -41.06
C VAL B 81 -30.61 1.89 -42.19
N LEU B 82 -30.30 1.16 -43.25
CA LEU B 82 -31.16 1.11 -44.42
C LEU B 82 -30.91 -0.15 -45.25
N SER B 83 -31.97 -0.70 -45.83
CA SER B 83 -31.86 -1.88 -46.67
C SER B 83 -32.76 -1.75 -47.89
N GLY B 84 -32.33 -2.30 -49.02
CA GLY B 84 -33.10 -2.25 -50.24
C GLY B 84 -32.51 -3.10 -51.36
N SER B 85 -33.18 -3.11 -52.50
CA SER B 85 -32.73 -3.88 -53.65
C SER B 85 -31.81 -3.04 -54.52
N LEU B 86 -30.71 -3.64 -54.96
CA LEU B 86 -29.75 -2.95 -55.81
C LEU B 86 -30.21 -2.92 -57.25
N CYS B 87 -29.84 -1.87 -57.96
CA CYS B 87 -30.19 -1.71 -59.37
C CYS B 87 -28.93 -1.76 -60.21
N ILE B 88 -28.96 -2.55 -61.28
CA ILE B 88 -27.79 -2.71 -62.14
C ILE B 88 -27.86 -1.80 -63.36
N ARG B 89 -27.02 -0.76 -63.39
CA ARG B 89 -26.93 0.13 -64.54
C ARG B 89 -26.12 -0.53 -65.64
N SER B 90 -25.11 -1.30 -65.22
CA SER B 90 -24.25 -2.01 -66.16
C SER B 90 -23.85 -3.37 -65.56
N ASP B 91 -23.86 -4.40 -66.39
CA ASP B 91 -23.55 -5.75 -65.92
C ASP B 91 -22.33 -6.32 -66.64
N VAL B 92 -21.19 -6.30 -65.96
CA VAL B 92 -19.96 -6.82 -66.54
C VAL B 92 -19.77 -8.29 -66.19
N ASP B 93 -20.00 -8.64 -64.92
CA ASP B 93 -19.82 -10.00 -64.47
C ASP B 93 -20.57 -10.25 -63.16
N MET B 94 -21.80 -9.76 -63.10
CA MET B 94 -22.63 -9.90 -61.91
C MET B 94 -23.06 -11.36 -61.69
N THR B 95 -23.24 -12.08 -62.79
CA THR B 95 -23.65 -13.49 -62.71
C THR B 95 -22.71 -14.26 -61.80
N HIS B 96 -21.41 -14.17 -62.09
CA HIS B 96 -20.40 -14.86 -61.30
C HIS B 96 -20.46 -14.42 -59.84
N PHE B 97 -20.56 -13.11 -59.63
CA PHE B 97 -20.64 -12.57 -58.28
C PHE B 97 -21.83 -13.18 -57.53
N LYS B 98 -22.92 -13.40 -58.23
CA LYS B 98 -24.10 -14.03 -57.63
C LYS B 98 -23.83 -15.48 -57.28
N ASN B 99 -23.25 -16.22 -58.22
CA ASN B 99 -22.97 -17.64 -58.02
C ASN B 99 -22.13 -17.89 -56.77
N ILE B 100 -21.14 -17.04 -56.54
CA ILE B 100 -20.23 -17.21 -55.42
C ILE B 100 -20.92 -16.95 -54.08
N LEU B 101 -21.77 -15.94 -54.04
CA LEU B 101 -22.55 -15.66 -52.84
C LEU B 101 -23.46 -16.83 -52.52
N ASN B 102 -24.07 -17.41 -53.54
CA ASN B 102 -24.97 -18.54 -53.36
C ASN B 102 -24.25 -19.81 -52.92
N ARG B 103 -23.09 -20.08 -53.51
CA ARG B 103 -22.29 -21.24 -53.13
C ARG B 103 -21.76 -21.07 -51.71
N GLY B 104 -21.33 -19.85 -51.39
CA GLY B 104 -20.79 -19.55 -50.08
C GLY B 104 -21.88 -19.42 -49.03
N ASN B 105 -23.12 -19.25 -49.49
CA ASN B 105 -24.26 -19.11 -48.58
C ASN B 105 -24.01 -18.00 -47.56
N GLY B 106 -23.63 -16.83 -48.04
CA GLY B 106 -23.36 -15.70 -47.16
C GLY B 106 -23.45 -14.38 -47.91
N ALA B 107 -22.88 -13.34 -47.32
CA ALA B 107 -22.91 -12.02 -47.93
C ALA B 107 -21.51 -11.41 -47.94
N GLY B 108 -21.20 -10.68 -49.00
CA GLY B 108 -19.98 -9.91 -49.06
C GLY B 108 -20.12 -8.72 -48.13
N ILE B 109 -19.04 -8.34 -47.47
CA ILE B 109 -19.11 -7.30 -46.46
C ILE B 109 -18.00 -6.26 -46.62
N VAL B 110 -18.34 -5.01 -46.36
CA VAL B 110 -17.39 -3.92 -46.42
C VAL B 110 -17.40 -3.13 -45.12
N LEU B 111 -16.27 -3.12 -44.42
CA LEU B 111 -16.15 -2.41 -43.17
C LEU B 111 -15.52 -1.04 -43.40
N GLY B 112 -16.34 -0.07 -43.77
CA GLY B 112 -15.86 1.25 -44.10
C GLY B 112 -15.66 2.13 -42.88
N SER B 113 -15.10 3.31 -43.11
CA SER B 113 -14.88 4.27 -42.04
C SER B 113 -16.19 4.91 -41.60
N ASN B 114 -17.07 5.17 -42.56
CA ASN B 114 -18.30 5.90 -42.29
C ASN B 114 -19.55 5.05 -42.44
N TYR B 115 -19.39 3.80 -42.85
CA TYR B 115 -20.53 2.91 -43.01
C TYR B 115 -20.11 1.43 -43.13
N THR B 116 -21.10 0.54 -43.09
CA THR B 116 -20.87 -0.88 -43.26
C THR B 116 -21.87 -1.44 -44.25
N LEU B 117 -21.39 -2.16 -45.25
CA LEU B 117 -22.25 -2.68 -46.31
C LEU B 117 -22.30 -4.20 -46.32
N LEU B 118 -23.50 -4.74 -46.54
CA LEU B 118 -23.67 -6.17 -46.78
C LEU B 118 -24.34 -6.38 -48.13
N LEU B 119 -23.78 -7.28 -48.94
CA LEU B 119 -24.34 -7.59 -50.25
C LEU B 119 -24.66 -9.08 -50.35
N PHE B 120 -25.90 -9.40 -50.69
CA PHE B 120 -26.30 -10.79 -50.85
C PHE B 120 -27.43 -10.94 -51.87
N THR B 121 -27.67 -12.17 -52.30
CA THR B 121 -28.67 -12.44 -53.33
C THR B 121 -30.05 -12.67 -52.70
N GLU B 122 -31.06 -12.71 -53.56
CA GLU B 122 -32.42 -12.93 -53.11
C GLU B 122 -32.67 -14.39 -52.75
N ASP B 123 -31.75 -15.27 -53.15
CA ASP B 123 -31.88 -16.69 -52.86
C ASP B 123 -31.55 -16.99 -51.40
N ASN B 124 -31.03 -15.99 -50.70
CA ASN B 124 -30.58 -16.16 -49.33
C ASN B 124 -31.73 -16.04 -48.34
N ASN B 125 -32.49 -17.12 -48.20
CA ASN B 125 -33.64 -17.15 -47.29
C ASN B 125 -33.30 -16.57 -45.93
N ALA B 126 -32.11 -16.91 -45.43
CA ALA B 126 -31.69 -16.51 -44.10
C ALA B 126 -31.65 -14.99 -43.94
N LEU B 127 -30.90 -14.33 -44.82
CA LEU B 127 -30.67 -12.90 -44.68
C LEU B 127 -31.85 -12.05 -45.17
N MET B 128 -32.67 -12.63 -46.05
CA MET B 128 -33.86 -11.93 -46.52
C MET B 128 -34.82 -11.70 -45.36
N ASN B 129 -34.82 -12.62 -44.40
CA ASN B 129 -35.68 -12.52 -43.23
C ASN B 129 -34.99 -11.78 -42.09
N LEU B 130 -33.69 -12.02 -41.94
CA LEU B 130 -32.93 -11.44 -40.84
C LEU B 130 -32.93 -9.92 -40.90
N TYR B 131 -33.19 -9.37 -42.09
CA TYR B 131 -33.17 -7.92 -42.27
C TYR B 131 -34.45 -7.39 -42.94
N ASP B 132 -35.52 -8.16 -42.84
CA ASP B 132 -36.83 -7.74 -43.34
C ASP B 132 -36.75 -7.09 -44.72
N CYS B 133 -36.09 -7.78 -45.66
CA CYS B 133 -35.97 -7.29 -47.01
C CYS B 133 -37.27 -7.45 -47.78
N GLN B 134 -38.02 -6.35 -47.91
CA GLN B 134 -39.24 -6.34 -48.70
C GLN B 134 -39.25 -5.13 -49.62
N GLY B 135 -40.21 -5.11 -50.54
CA GLY B 135 -40.38 -3.98 -51.44
C GLY B 135 -40.01 -4.30 -52.88
N GLN B 136 -39.58 -3.27 -53.60
CA GLN B 136 -39.29 -3.40 -55.01
C GLN B 136 -38.04 -4.23 -55.29
N SER B 137 -38.18 -5.23 -56.16
CA SER B 137 -37.07 -6.06 -56.56
C SER B 137 -36.44 -5.51 -57.84
N ASN B 138 -35.44 -4.66 -57.69
CA ASN B 138 -34.77 -4.05 -58.83
C ASN B 138 -33.81 -5.02 -59.51
N SER B 139 -33.39 -6.05 -58.77
CA SER B 139 -32.51 -7.07 -59.31
C SER B 139 -32.38 -8.21 -58.30
N PRO B 140 -31.57 -9.23 -58.64
CA PRO B 140 -31.40 -10.40 -57.76
C PRO B 140 -30.59 -10.07 -56.51
N PHE B 141 -30.02 -8.87 -56.45
CA PHE B 141 -29.16 -8.50 -55.33
C PHE B 141 -29.84 -7.56 -54.36
N TRP B 142 -29.47 -7.68 -53.09
CA TRP B 142 -29.99 -6.80 -52.04
C TRP B 142 -28.83 -6.33 -51.18
N MET B 143 -28.94 -5.10 -50.68
CA MET B 143 -27.88 -4.52 -49.87
C MET B 143 -28.43 -3.92 -48.60
N VAL B 144 -27.61 -3.91 -47.54
CA VAL B 144 -27.99 -3.31 -46.27
C VAL B 144 -26.87 -2.44 -45.76
N ILE B 145 -27.21 -1.24 -45.29
CA ILE B 145 -26.23 -0.30 -44.78
C ILE B 145 -26.33 -0.20 -43.26
N PHE B 146 -25.20 -0.40 -42.58
CA PHE B 146 -25.15 -0.29 -41.13
C PHE B 146 -24.19 0.82 -40.74
N GLU B 147 -24.25 1.22 -39.48
CA GLU B 147 -23.30 2.20 -38.95
C GLU B 147 -21.92 1.58 -38.93
N PRO B 148 -20.88 2.40 -39.11
CA PRO B 148 -19.51 1.88 -39.11
C PRO B 148 -19.12 1.31 -37.75
N LEU B 149 -18.16 0.38 -37.74
CA LEU B 149 -17.65 -0.15 -36.49
C LEU B 149 -16.44 0.66 -36.07
N GLU B 150 -16.14 0.64 -34.77
CA GLU B 150 -15.00 1.37 -34.26
C GLU B 150 -13.73 1.01 -35.02
N SER B 151 -12.96 2.01 -35.40
CA SER B 151 -11.74 1.81 -36.16
C SER B 151 -10.95 0.62 -35.63
N ILE B 152 -10.76 0.57 -34.32
CA ILE B 152 -9.96 -0.48 -33.70
C ILE B 152 -10.49 -1.87 -34.03
N LEU B 153 -11.81 -2.01 -34.07
CA LEU B 153 -12.43 -3.30 -34.30
C LEU B 153 -12.15 -3.81 -35.71
N VAL B 154 -12.45 -2.99 -36.71
CA VAL B 154 -12.21 -3.34 -38.10
C VAL B 154 -10.77 -3.79 -38.28
N GLU B 155 -9.87 -3.16 -37.55
CA GLU B 155 -8.45 -3.47 -37.62
C GLU B 155 -8.19 -4.89 -37.13
N TRP B 156 -8.81 -5.27 -36.02
CA TRP B 156 -8.70 -6.62 -35.49
C TRP B 156 -9.26 -7.63 -36.47
N SER B 157 -10.38 -7.28 -37.09
CA SER B 157 -11.06 -8.16 -38.03
C SER B 157 -10.16 -8.52 -39.21
N ALA B 158 -9.24 -7.62 -39.54
CA ALA B 158 -8.33 -7.85 -40.65
C ALA B 158 -7.14 -8.71 -40.21
N LYS B 159 -6.81 -8.63 -38.93
CA LYS B 159 -5.72 -9.40 -38.37
C LYS B 159 -6.28 -10.62 -37.63
N ASN B 160 -7.42 -11.10 -38.10
CA ASN B 160 -8.14 -12.19 -37.41
C ASN B 160 -7.78 -13.57 -37.94
N LEU B 161 -6.70 -13.65 -38.71
CA LEU B 161 -6.31 -14.91 -39.33
C LEU B 161 -5.82 -15.93 -38.31
N ARG B 162 -4.75 -15.58 -37.59
CA ARG B 162 -4.10 -16.52 -36.68
C ARG B 162 -3.58 -15.84 -35.42
N PRO B 163 -3.68 -16.53 -34.27
CA PRO B 163 -3.19 -16.00 -32.99
C PRO B 163 -1.67 -16.16 -32.84
N LYS B 164 -1.05 -15.29 -32.06
CA LYS B 164 0.38 -15.37 -31.79
C LYS B 164 0.65 -16.53 -30.84
N LYS B 165 -0.19 -16.66 -29.82
CA LYS B 165 -0.07 -17.76 -28.86
C LYS B 165 -1.18 -18.77 -29.12
N PRO B 166 -0.81 -19.94 -29.66
CA PRO B 166 -1.79 -20.94 -30.09
C PRO B 166 -2.47 -21.67 -28.93
N TYR B 167 -3.77 -21.92 -29.05
CA TYR B 167 -4.51 -22.67 -28.06
C TYR B 167 -4.30 -24.17 -28.25
N HIS B 168 -4.08 -24.88 -27.16
CA HIS B 168 -3.82 -26.31 -27.21
C HIS B 168 -5.08 -27.11 -26.86
N LYS B 169 -5.39 -28.11 -27.67
CA LYS B 169 -6.61 -28.90 -27.48
C LYS B 169 -6.67 -29.53 -26.09
N SER B 170 -5.50 -29.79 -25.50
CA SER B 170 -5.44 -30.48 -24.21
C SER B 170 -5.71 -29.54 -23.02
N GLN B 171 -5.56 -28.23 -23.24
CA GLN B 171 -5.85 -27.27 -22.19
C GLN B 171 -7.27 -26.73 -22.32
N SER B 172 -7.89 -26.44 -21.19
CA SER B 172 -9.22 -25.83 -21.19
C SER B 172 -9.11 -24.41 -21.70
N TYR B 173 -10.08 -23.99 -22.51
CA TYR B 173 -10.07 -22.63 -23.05
C TYR B 173 -10.04 -21.61 -21.91
N LEU B 174 -10.56 -22.00 -20.75
CA LEU B 174 -10.59 -21.12 -19.59
C LEU B 174 -9.18 -20.77 -19.15
N SER B 175 -8.28 -21.74 -19.20
CA SER B 175 -6.89 -21.50 -18.80
C SER B 175 -6.16 -20.72 -19.89
N TYR B 176 -6.51 -20.99 -21.14
CA TYR B 176 -5.90 -20.31 -22.27
C TYR B 176 -6.19 -18.81 -22.24
N LEU B 177 -7.39 -18.45 -21.80
CA LEU B 177 -7.76 -17.04 -21.67
C LEU B 177 -6.94 -16.37 -20.57
N LEU B 178 -6.79 -17.07 -19.45
CA LEU B 178 -5.93 -16.61 -18.36
C LEU B 178 -4.50 -16.45 -18.86
N GLN B 179 -4.11 -17.37 -19.74
CA GLN B 179 -2.78 -17.37 -20.33
C GLN B 179 -2.58 -16.08 -21.11
N LEU B 180 -3.57 -15.73 -21.94
CA LEU B 180 -3.54 -14.49 -22.70
C LEU B 180 -3.54 -13.29 -21.75
N GLY B 181 -4.18 -13.47 -20.59
CA GLY B 181 -4.25 -12.42 -19.59
C GLY B 181 -3.02 -12.37 -18.71
N HIS B 182 -1.97 -13.07 -19.13
CA HIS B 182 -0.69 -13.09 -18.42
C HIS B 182 -0.78 -13.83 -17.09
N ILE B 183 -1.55 -14.90 -17.06
CA ILE B 183 -1.56 -15.81 -15.93
C ILE B 183 -1.38 -17.23 -16.46
N ASP B 184 -0.12 -17.60 -16.66
CA ASP B 184 0.23 -18.85 -17.33
C ASP B 184 0.42 -19.96 -16.31
N LEU B 185 -0.68 -20.65 -16.00
CA LEU B 185 -0.66 -21.68 -14.96
C LEU B 185 0.16 -22.90 -15.39
N HIS B 186 0.33 -23.07 -16.69
CA HIS B 186 1.08 -24.21 -17.21
C HIS B 186 2.58 -24.03 -17.06
N LYS B 187 3.05 -22.79 -17.15
CA LYS B 187 4.48 -22.50 -17.01
C LYS B 187 5.00 -22.85 -15.61
N ILE B 188 4.12 -22.80 -14.62
CA ILE B 188 4.52 -23.10 -13.24
C ILE B 188 4.14 -24.52 -12.84
N GLY B 189 3.81 -25.34 -13.82
CA GLY B 189 3.49 -26.74 -13.59
C GLY B 189 2.26 -26.95 -12.73
N ALA B 190 1.37 -25.97 -12.72
CA ALA B 190 0.18 -26.02 -11.87
C ALA B 190 -0.70 -27.25 -12.16
N PHE B 191 -0.74 -27.67 -13.42
CA PHE B 191 -1.66 -28.73 -13.83
C PHE B 191 -1.10 -30.14 -13.60
N GLN B 192 0.00 -30.23 -12.86
CA GLN B 192 0.51 -31.52 -12.41
C GLN B 192 0.33 -31.66 -10.90
N ALA B 193 -0.44 -30.74 -10.32
CA ALA B 193 -0.68 -30.74 -8.88
C ALA B 193 -1.53 -31.94 -8.47
N THR B 194 -1.35 -32.37 -7.23
CA THR B 194 -2.18 -33.42 -6.66
C THR B 194 -3.25 -32.80 -5.78
N GLN B 195 -3.07 -31.51 -5.48
CA GLN B 195 -4.05 -30.74 -4.72
C GLN B 195 -3.85 -29.25 -4.97
N ILE B 196 -4.96 -28.55 -5.20
CA ILE B 196 -4.90 -27.09 -5.34
C ILE B 196 -5.55 -26.46 -4.12
N LEU B 197 -4.92 -25.40 -3.61
CA LEU B 197 -5.48 -24.64 -2.50
C LEU B 197 -5.56 -23.16 -2.88
N ILE B 198 -6.75 -22.59 -2.77
CA ILE B 198 -7.00 -21.22 -3.21
C ILE B 198 -7.50 -20.38 -2.05
N VAL B 199 -6.88 -19.22 -1.85
CA VAL B 199 -7.22 -18.34 -0.75
C VAL B 199 -7.29 -16.88 -1.24
N SER B 200 -8.21 -16.11 -0.64
CA SER B 200 -8.43 -14.74 -1.07
C SER B 200 -9.38 -14.00 -0.12
N LYS B 201 -9.34 -12.67 -0.16
CA LYS B 201 -10.34 -11.87 0.53
C LYS B 201 -11.62 -11.85 -0.32
N GLN B 202 -12.66 -11.19 0.17
CA GLN B 202 -13.90 -11.07 -0.58
C GLN B 202 -14.12 -9.62 -0.99
N PRO B 203 -14.78 -9.40 -2.14
CA PRO B 203 -15.25 -10.43 -3.05
C PRO B 203 -14.10 -11.06 -3.82
N SER B 204 -14.28 -12.31 -4.28
CA SER B 204 -13.18 -13.07 -4.86
C SER B 204 -13.51 -13.59 -6.26
N PRO B 205 -13.66 -12.68 -7.23
CA PRO B 205 -13.91 -13.07 -8.62
C PRO B 205 -12.81 -13.93 -9.20
N GLU B 206 -11.55 -13.54 -8.98
CA GLU B 206 -10.41 -14.28 -9.50
C GLU B 206 -10.26 -15.65 -8.82
N ALA B 207 -10.30 -15.67 -7.49
CA ALA B 207 -10.12 -16.91 -6.75
C ALA B 207 -11.07 -18.01 -7.23
N GLU B 208 -12.34 -17.65 -7.43
CA GLU B 208 -13.34 -18.65 -7.79
C GLU B 208 -13.30 -18.95 -9.30
N GLU B 209 -12.73 -18.04 -10.07
CA GLU B 209 -12.47 -18.31 -11.47
C GLU B 209 -11.34 -19.33 -11.57
N LEU B 210 -10.39 -19.24 -10.65
CA LEU B 210 -9.26 -20.14 -10.61
C LEU B 210 -9.73 -21.53 -10.21
N GLU B 211 -10.58 -21.60 -9.20
CA GLU B 211 -11.18 -22.86 -8.78
C GLU B 211 -11.79 -23.55 -10.00
N ASP B 212 -12.56 -22.80 -10.78
CA ASP B 212 -13.17 -23.32 -11.99
C ASP B 212 -12.11 -23.92 -12.94
N THR B 213 -11.05 -23.15 -13.19
CA THR B 213 -10.00 -23.60 -14.09
C THR B 213 -9.48 -24.99 -13.73
N PHE B 214 -9.25 -25.19 -12.44
CA PHE B 214 -8.68 -26.44 -11.95
C PHE B 214 -9.72 -27.55 -11.82
N ARG B 215 -10.94 -27.19 -11.45
CA ARG B 215 -12.02 -28.17 -11.39
C ARG B 215 -12.26 -28.76 -12.77
N GLU B 216 -11.95 -27.98 -13.80
CA GLU B 216 -12.06 -28.44 -15.18
C GLU B 216 -10.99 -29.48 -15.48
N ALA B 217 -9.81 -29.31 -14.89
CA ALA B 217 -8.70 -30.23 -15.10
C ALA B 217 -8.84 -31.48 -14.24
N ALA B 218 -9.88 -31.50 -13.40
CA ALA B 218 -10.15 -32.65 -12.54
C ALA B 218 -9.11 -32.80 -11.44
N ILE B 219 -8.44 -31.71 -11.11
CA ILE B 219 -7.51 -31.71 -9.98
C ILE B 219 -8.27 -31.39 -8.71
N PRO B 220 -8.03 -32.18 -7.64
CA PRO B 220 -8.67 -31.85 -6.35
C PRO B 220 -8.40 -30.40 -5.98
N THR B 221 -9.46 -29.63 -5.75
CA THR B 221 -9.32 -28.21 -5.45
C THR B 221 -10.15 -27.80 -4.24
N PHE B 222 -9.54 -27.01 -3.36
CA PHE B 222 -10.23 -26.48 -2.19
C PHE B 222 -10.00 -24.99 -2.08
N ARG B 223 -11.03 -24.25 -1.69
CA ARG B 223 -10.93 -22.80 -1.53
C ARG B 223 -11.52 -22.38 -0.19
N GLY B 224 -10.82 -21.46 0.49
CA GLY B 224 -11.30 -20.96 1.77
C GLY B 224 -10.16 -20.62 2.72
N LEU B 225 -10.49 -19.97 3.83
CA LEU B 225 -9.50 -19.62 4.84
C LEU B 225 -9.19 -20.81 5.74
N GLU B 226 -10.20 -21.64 6.00
CA GLU B 226 -10.05 -22.78 6.88
C GLU B 226 -9.80 -24.07 6.09
N ILE B 227 -8.53 -24.41 5.93
CA ILE B 227 -8.14 -25.59 5.17
C ILE B 227 -7.80 -26.75 6.11
N PRO B 228 -8.44 -27.92 5.89
CA PRO B 228 -8.14 -29.11 6.69
C PRO B 228 -6.68 -29.54 6.55
N GLU B 229 -6.07 -29.93 7.67
CA GLU B 229 -4.65 -30.29 7.67
C GLU B 229 -4.31 -31.38 6.65
N SER B 230 -5.28 -32.25 6.38
CA SER B 230 -5.05 -33.41 5.52
C SER B 230 -4.75 -33.04 4.06
N LEU B 231 -5.18 -31.85 3.64
CA LEU B 231 -5.03 -31.45 2.24
C LEU B 231 -3.60 -31.02 1.88
N PHE B 232 -2.74 -30.91 2.87
CA PHE B 232 -1.34 -30.53 2.63
C PHE B 232 -0.44 -31.76 2.45
N LEU B 233 -1.00 -32.95 2.69
CA LEU B 233 -0.20 -34.16 2.71
C LEU B 233 0.07 -34.75 1.31
N SER B 234 -0.69 -34.30 0.32
CA SER B 234 -0.53 -34.78 -1.05
C SER B 234 0.92 -34.63 -1.53
N GLN B 235 1.26 -35.25 -2.64
CA GLN B 235 2.63 -35.22 -3.14
C GLN B 235 3.02 -33.84 -3.66
N ASN B 236 2.21 -33.30 -4.57
CA ASN B 236 2.52 -32.05 -5.24
C ASN B 236 1.42 -31.00 -5.02
N VAL B 237 1.49 -30.31 -3.88
CA VAL B 237 0.45 -29.36 -3.50
C VAL B 237 0.77 -27.93 -3.92
N PHE B 238 -0.21 -27.25 -4.50
CA PHE B 238 -0.09 -25.86 -4.90
C PHE B 238 -0.98 -24.96 -4.04
N VAL B 239 -0.41 -23.87 -3.54
CA VAL B 239 -1.17 -22.90 -2.75
C VAL B 239 -1.19 -21.56 -3.47
N PHE B 240 -2.38 -21.13 -3.88
CA PHE B 240 -2.52 -19.86 -4.59
C PHE B 240 -3.13 -18.78 -3.70
N LEU B 241 -2.34 -17.75 -3.42
CA LEU B 241 -2.81 -16.60 -2.67
C LEU B 241 -3.16 -15.45 -3.60
N ASN B 242 -4.39 -14.95 -3.50
CA ASN B 242 -4.82 -13.82 -4.31
C ASN B 242 -4.13 -12.53 -3.89
N VAL B 243 -3.87 -11.65 -4.85
CA VAL B 243 -3.16 -10.39 -4.59
C VAL B 243 -3.76 -9.61 -3.41
N SER B 244 -5.05 -9.81 -3.17
CA SER B 244 -5.74 -9.11 -2.09
C SER B 244 -5.21 -9.52 -0.71
N LEU B 245 -4.33 -10.51 -0.68
CA LEU B 245 -3.73 -10.97 0.57
C LEU B 245 -2.22 -10.73 0.61
N GLU B 246 -1.74 -9.84 -0.24
CA GLU B 246 -0.31 -9.57 -0.34
C GLU B 246 0.28 -8.95 0.92
N ASP B 247 -0.57 -8.33 1.74
CA ASP B 247 -0.10 -7.64 2.93
C ASP B 247 -0.62 -8.26 4.23
N ASP B 248 -1.44 -9.30 4.10
CA ASP B 248 -2.05 -9.93 5.25
C ASP B 248 -1.80 -11.44 5.29
N PHE B 249 -1.03 -11.94 4.32
CA PHE B 249 -0.85 -13.38 4.16
C PHE B 249 -0.33 -14.04 5.43
N ASP B 250 0.26 -13.25 6.34
CA ASP B 250 0.74 -13.80 7.60
C ASP B 250 -0.38 -13.90 8.63
N GLN B 251 -1.62 -13.81 8.17
CA GLN B 251 -2.78 -14.03 9.03
C GLN B 251 -3.43 -15.37 8.72
N LEU B 252 -2.95 -16.03 7.67
CA LEU B 252 -3.40 -17.37 7.32
C LEU B 252 -2.86 -18.38 8.34
N GLN B 253 -3.77 -18.98 9.11
CA GLN B 253 -3.39 -19.84 10.23
C GLN B 253 -2.52 -21.02 9.81
N PHE B 254 -2.63 -21.43 8.55
CA PHE B 254 -2.02 -22.67 8.10
C PHE B 254 -0.68 -22.47 7.40
N LEU B 255 -0.14 -21.26 7.46
CA LEU B 255 1.01 -20.89 6.62
C LEU B 255 2.27 -21.71 6.92
N THR B 256 2.65 -21.82 8.18
CA THR B 256 3.87 -22.54 8.54
C THR B 256 3.77 -24.02 8.22
N LEU B 257 2.65 -24.64 8.61
CA LEU B 257 2.41 -26.04 8.29
C LEU B 257 2.60 -26.28 6.81
N ALA B 258 2.05 -25.37 5.99
CA ALA B 258 2.16 -25.49 4.54
C ALA B 258 3.61 -25.53 4.09
N LYS B 259 4.43 -24.65 4.65
CA LYS B 259 5.85 -24.60 4.28
C LYS B 259 6.55 -25.90 4.66
N ARG B 260 6.23 -26.40 5.84
CA ARG B 260 6.78 -27.66 6.31
C ARG B 260 6.46 -28.79 5.33
N LYS B 261 5.26 -28.73 4.75
CA LYS B 261 4.76 -29.80 3.90
C LYS B 261 5.12 -29.61 2.42
N SER B 262 6.16 -28.83 2.16
CA SER B 262 6.72 -28.73 0.81
C SER B 262 5.73 -28.20 -0.23
N CYS B 263 4.80 -27.36 0.19
CA CYS B 263 3.84 -26.76 -0.73
C CYS B 263 4.50 -25.66 -1.56
N LYS B 264 4.01 -25.46 -2.77
CA LYS B 264 4.49 -24.37 -3.62
C LYS B 264 3.49 -23.21 -3.53
N PHE B 265 4.01 -22.00 -3.38
CA PHE B 265 3.16 -20.83 -3.17
C PHE B 265 3.22 -19.86 -4.34
N PHE B 266 2.08 -19.24 -4.64
CA PHE B 266 2.00 -18.26 -5.73
C PHE B 266 1.05 -17.13 -5.43
N LEU B 267 1.50 -15.90 -5.71
CA LEU B 267 0.62 -14.75 -5.76
C LEU B 267 -0.01 -14.67 -7.13
N PHE B 268 -1.33 -14.51 -7.19
CA PHE B 268 -2.02 -14.41 -8.47
C PHE B 268 -3.06 -13.30 -8.41
N GLY B 269 -3.23 -12.61 -9.54
CA GLY B 269 -4.25 -11.58 -9.63
C GLY B 269 -3.77 -10.31 -10.29
N LEU B 270 -4.72 -9.51 -10.79
CA LEU B 270 -4.43 -8.24 -11.41
C LEU B 270 -3.83 -7.27 -10.40
N SER B 271 -2.70 -6.67 -10.78
CA SER B 271 -2.06 -5.66 -9.95
C SER B 271 -1.65 -4.45 -10.80
N LEU B 272 -1.63 -3.28 -10.18
CA LEU B 272 -1.38 -2.04 -10.90
C LEU B 272 -0.30 -1.23 -10.21
N PRO B 273 0.97 -1.63 -10.38
CA PRO B 273 2.10 -0.95 -9.72
C PRO B 273 2.23 0.52 -10.07
N LEU B 274 2.17 0.85 -11.35
CA LEU B 274 2.39 2.22 -11.81
C LEU B 274 1.16 3.11 -11.60
N LYS B 275 -0.02 2.49 -11.53
CA LYS B 275 -1.26 3.26 -11.41
C LYS B 275 -1.50 3.67 -9.97
N THR B 297 9.34 -17.62 -18.32
CA THR B 297 8.89 -18.61 -17.34
C THR B 297 7.60 -18.17 -16.67
N TYR B 298 7.71 -17.42 -15.59
CA TYR B 298 6.54 -16.91 -14.88
C TYR B 298 5.84 -15.85 -15.70
N SER B 299 4.71 -15.37 -15.17
CA SER B 299 3.97 -14.31 -15.84
C SER B 299 3.91 -13.07 -14.93
N GLN B 300 3.28 -12.02 -15.42
CA GLN B 300 3.27 -10.75 -14.71
C GLN B 300 2.35 -10.77 -13.48
N TYR B 301 1.17 -11.36 -13.66
CA TYR B 301 0.17 -11.38 -12.59
C TYR B 301 0.18 -12.74 -11.89
N LEU B 302 1.32 -13.41 -11.93
CA LEU B 302 1.51 -14.69 -11.27
C LEU B 302 2.93 -14.71 -10.73
N ARG B 303 3.06 -14.89 -9.42
CA ARG B 303 4.34 -14.67 -8.74
C ARG B 303 4.63 -15.76 -7.70
N PRO B 304 5.90 -16.20 -7.62
CA PRO B 304 6.28 -17.21 -6.63
C PRO B 304 6.34 -16.65 -5.21
N MET B 305 6.22 -17.52 -4.21
CA MET B 305 6.38 -17.12 -2.82
C MET B 305 7.12 -18.21 -2.05
N PHE B 306 8.02 -17.79 -1.17
CA PHE B 306 8.74 -18.74 -0.31
C PHE B 306 9.41 -19.81 -1.15
N PRO B 307 10.24 -19.39 -2.12
CA PRO B 307 10.85 -20.32 -3.08
C PRO B 307 11.75 -21.36 -2.43
N LYS B 308 12.83 -20.91 -1.79
CA LYS B 308 13.78 -21.82 -1.17
C LYS B 308 14.50 -21.14 -0.02
N GLY B 309 15.38 -21.90 0.65
CA GLY B 309 16.21 -21.35 1.69
C GLY B 309 15.43 -20.90 2.91
N GLY B 310 15.97 -19.90 3.61
CA GLY B 310 15.33 -19.37 4.79
C GLY B 310 16.20 -18.38 5.56
N VAL B 311 15.58 -17.69 6.51
CA VAL B 311 16.28 -16.72 7.34
C VAL B 311 16.23 -17.16 8.79
N VAL B 312 17.36 -17.03 9.50
CA VAL B 312 17.41 -17.35 10.91
C VAL B 312 17.87 -16.15 11.72
N SER B 313 17.16 -15.86 12.80
CA SER B 313 17.50 -14.78 13.71
C SER B 313 17.38 -15.27 15.14
N VAL B 314 18.00 -14.56 16.08
CA VAL B 314 17.98 -14.95 17.48
C VAL B 314 17.50 -13.80 18.35
N THR B 315 16.87 -14.13 19.48
CA THR B 315 16.42 -13.12 20.43
C THR B 315 17.41 -12.98 21.58
N LEU B 316 17.40 -11.82 22.23
CA LEU B 316 18.31 -11.56 23.35
C LEU B 316 18.12 -12.59 24.46
N SER B 317 16.87 -12.89 24.77
CA SER B 317 16.54 -13.90 25.76
C SER B 317 17.24 -15.22 25.42
N ALA B 318 17.47 -15.45 24.14
CA ALA B 318 18.11 -16.67 23.67
C ALA B 318 19.62 -16.56 23.78
N LEU B 319 20.17 -15.41 23.40
CA LEU B 319 21.62 -15.20 23.45
C LEU B 319 22.17 -15.30 24.87
N ILE B 320 21.30 -15.08 25.86
CA ILE B 320 21.73 -15.13 27.25
C ILE B 320 21.56 -16.53 27.83
N LYS B 321 20.48 -17.21 27.44
CA LYS B 321 20.28 -18.60 27.85
C LYS B 321 21.35 -19.48 27.23
N THR B 322 21.78 -19.12 26.03
CA THR B 322 22.78 -19.89 25.30
C THR B 322 23.78 -18.98 24.61
N PRO B 323 24.84 -18.58 25.34
CA PRO B 323 25.85 -17.66 24.80
C PRO B 323 26.52 -18.20 23.53
N ARG B 324 26.69 -19.51 23.42
CA ARG B 324 27.40 -20.12 22.30
C ARG B 324 26.58 -20.13 21.00
N LEU B 325 25.34 -19.66 21.05
CA LEU B 325 24.40 -19.84 19.93
C LEU B 325 25.03 -19.63 18.55
N LEU B 326 25.54 -18.43 18.28
CA LEU B 326 26.06 -18.11 16.96
C LEU B 326 27.16 -19.08 16.52
N GLU B 327 28.17 -19.25 17.34
CA GLU B 327 29.26 -20.17 17.04
C GLU B 327 28.81 -21.62 17.13
N LEU B 328 27.58 -21.82 17.60
CA LEU B 328 27.06 -23.17 17.82
C LEU B 328 26.12 -23.62 16.69
N ILE B 329 25.51 -22.66 16.01
CA ILE B 329 24.70 -22.96 14.83
C ILE B 329 25.45 -22.53 13.57
N SER B 330 26.70 -22.12 13.76
CA SER B 330 27.56 -21.70 12.66
C SER B 330 27.68 -22.80 11.58
N PRO B 331 27.83 -24.06 12.00
CA PRO B 331 27.98 -25.14 11.01
C PRO B 331 26.76 -25.27 10.09
N PHE B 332 25.56 -25.09 10.65
CA PHE B 332 24.35 -25.15 9.84
C PHE B 332 24.38 -24.08 8.75
N LEU B 333 24.85 -22.89 9.10
CA LEU B 333 24.91 -21.79 8.15
C LEU B 333 25.93 -22.06 7.05
N GLU B 334 27.02 -22.73 7.41
CA GLU B 334 28.03 -23.14 6.43
C GLU B 334 27.41 -23.99 5.34
N ILE B 335 26.73 -25.05 5.75
CA ILE B 335 26.07 -25.96 4.83
C ILE B 335 25.10 -25.20 3.93
N LYS B 336 24.30 -24.34 4.54
CA LYS B 336 23.28 -23.60 3.83
C LYS B 336 23.76 -22.22 3.42
N LYS B 337 25.05 -22.10 3.13
CA LYS B 337 25.66 -20.82 2.80
C LYS B 337 25.05 -20.20 1.53
N ASP B 338 24.35 -21.01 0.75
CA ASP B 338 23.84 -20.57 -0.54
C ASP B 338 22.36 -20.20 -0.52
N SER B 339 21.61 -20.79 0.40
CA SER B 339 20.17 -20.56 0.46
C SER B 339 19.70 -20.00 1.80
N TRP B 340 20.61 -19.88 2.76
CA TRP B 340 20.26 -19.37 4.08
C TRP B 340 21.14 -18.22 4.51
N ILE B 341 20.65 -17.43 5.46
CA ILE B 341 21.44 -16.37 6.07
C ILE B 341 21.05 -16.20 7.53
N LEU B 342 22.03 -15.79 8.34
CA LEU B 342 21.77 -15.37 9.70
C LEU B 342 21.69 -13.86 9.69
N ILE B 343 20.69 -13.30 10.38
CA ILE B 343 20.51 -11.86 10.37
C ILE B 343 20.34 -11.31 11.79
N LEU B 344 21.24 -10.39 12.16
CA LEU B 344 21.17 -9.71 13.45
C LEU B 344 20.99 -8.21 13.23
N PRO B 345 20.37 -7.54 14.20
CA PRO B 345 20.29 -6.07 14.17
C PRO B 345 21.67 -5.44 14.40
N PRO B 346 21.98 -4.35 13.69
CA PRO B 346 23.30 -3.72 13.80
C PRO B 346 23.62 -3.31 15.24
N SER B 347 22.59 -3.09 16.04
CA SER B 347 22.76 -2.64 17.42
C SER B 347 22.65 -3.79 18.40
N ILE B 348 23.08 -4.98 17.97
CA ILE B 348 22.90 -6.18 18.79
C ILE B 348 23.85 -6.20 19.99
N VAL B 349 25.09 -5.75 19.79
CA VAL B 349 26.04 -5.67 20.91
C VAL B 349 25.52 -4.69 21.96
N ASP B 350 25.15 -3.48 21.53
CA ASP B 350 24.66 -2.46 22.43
C ASP B 350 23.29 -2.87 23.00
N MET B 351 22.68 -3.86 22.36
CA MET B 351 21.37 -4.36 22.78
C MET B 351 21.54 -5.32 23.95
N VAL B 352 22.45 -6.28 23.80
CA VAL B 352 22.76 -7.23 24.86
C VAL B 352 23.20 -6.46 26.10
N LYS B 353 24.24 -5.67 25.92
CA LYS B 353 24.80 -4.83 26.99
C LYS B 353 23.69 -4.09 27.75
N SER B 354 22.86 -3.37 27.02
CA SER B 354 21.75 -2.65 27.63
C SER B 354 20.92 -3.57 28.52
N TYR B 355 20.47 -4.68 27.95
CA TYR B 355 19.60 -5.61 28.68
C TYR B 355 20.37 -6.43 29.71
N PHE B 356 21.70 -6.38 29.65
CA PHE B 356 22.52 -7.09 30.62
C PHE B 356 22.66 -6.24 31.87
N VAL B 357 22.78 -4.93 31.68
CA VAL B 357 22.84 -3.99 32.78
C VAL B 357 21.48 -3.89 33.46
N THR B 358 20.44 -3.74 32.66
CA THR B 358 19.07 -3.70 33.15
C THR B 358 18.79 -4.93 34.02
N ASN B 359 19.03 -6.11 33.46
CA ASN B 359 18.76 -7.36 34.16
C ASN B 359 19.64 -7.55 35.39
N ASN B 360 20.91 -7.16 35.27
CA ASN B 360 21.87 -7.36 36.34
C ASN B 360 22.67 -6.09 36.62
N PRO B 361 22.04 -5.13 37.31
CA PRO B 361 22.59 -3.79 37.52
C PRO B 361 23.95 -3.78 38.23
N ASP B 362 24.25 -4.81 39.00
CA ASP B 362 25.50 -4.84 39.78
C ASP B 362 26.51 -5.87 39.25
N LYS B 363 26.28 -6.35 38.03
CA LYS B 363 27.22 -7.27 37.40
C LYS B 363 28.48 -6.53 36.95
N SER B 364 29.63 -7.17 37.12
CA SER B 364 30.91 -6.53 36.84
C SER B 364 31.04 -6.09 35.39
N LEU B 365 31.93 -5.14 35.15
CA LEU B 365 32.10 -4.53 33.83
C LEU B 365 33.12 -5.28 32.96
N LEU B 366 34.16 -5.81 33.59
CA LEU B 366 35.18 -6.55 32.86
C LEU B 366 34.56 -7.76 32.16
N GLU B 367 33.56 -8.34 32.81
CA GLU B 367 32.82 -9.45 32.21
C GLU B 367 31.97 -8.94 31.06
N ILE B 368 31.45 -7.73 31.21
CA ILE B 368 30.61 -7.12 30.18
C ILE B 368 31.34 -7.01 28.85
N GLN B 369 32.55 -6.46 28.87
CA GLN B 369 33.32 -6.27 27.65
C GLN B 369 33.62 -7.59 26.95
N ASN B 370 33.86 -8.64 27.74
CA ASN B 370 34.24 -9.94 27.19
C ASN B 370 33.10 -10.62 26.45
N LEU B 371 31.88 -10.50 26.97
CA LEU B 371 30.72 -11.09 26.33
C LEU B 371 30.41 -10.34 25.04
N LEU B 372 30.54 -9.02 25.08
CA LEU B 372 30.24 -8.17 23.94
C LEU B 372 31.23 -8.39 22.80
N ASN B 373 32.50 -8.58 23.15
CA ASN B 373 33.54 -8.81 22.14
C ASN B 373 33.23 -10.03 21.28
N THR B 374 32.55 -11.01 21.87
CA THR B 374 32.23 -12.25 21.17
C THR B 374 31.25 -12.00 20.03
N LEU B 375 30.20 -11.22 20.33
CA LEU B 375 29.22 -10.85 19.31
C LEU B 375 29.86 -9.97 18.25
N GLN B 376 30.41 -8.84 18.67
CA GLN B 376 31.09 -7.92 17.77
C GLN B 376 32.04 -8.68 16.85
N ARG B 377 32.66 -9.73 17.38
CA ARG B 377 33.60 -10.54 16.62
C ARG B 377 32.89 -11.34 15.54
N TYR B 378 31.70 -11.85 15.85
CA TYR B 378 30.94 -12.67 14.92
C TYR B 378 30.28 -11.80 13.85
N LEU B 379 30.35 -10.49 14.03
CA LEU B 379 29.78 -9.54 13.08
C LEU B 379 30.89 -8.76 12.38
N THR B 380 31.79 -8.19 13.18
CA THR B 380 32.93 -7.44 12.65
C THR B 380 33.70 -8.27 11.65
N ASN B 381 34.16 -9.45 12.08
CA ASN B 381 34.87 -10.35 11.20
C ASN B 381 33.89 -11.17 10.37
N PRO B 382 33.87 -10.93 9.05
CA PRO B 382 32.96 -11.66 8.16
C PRO B 382 33.35 -13.13 8.02
N ALA B 383 33.30 -13.86 9.13
CA ALA B 383 33.61 -15.28 9.12
C ALA B 383 32.76 -15.99 8.10
N LEU B 384 31.45 -15.76 8.15
CA LEU B 384 30.52 -16.33 7.20
C LEU B 384 30.00 -15.25 6.24
N LYS B 385 29.92 -15.61 4.96
CA LYS B 385 29.42 -14.68 3.95
C LYS B 385 27.92 -14.48 4.09
N ASN B 386 27.25 -15.48 4.67
CA ASN B 386 25.80 -15.42 4.85
C ASN B 386 25.43 -14.91 6.25
N VAL B 387 26.22 -13.97 6.76
CA VAL B 387 25.90 -13.30 8.02
C VAL B 387 25.66 -11.82 7.73
N THR B 388 24.39 -11.46 7.59
CA THR B 388 24.02 -10.09 7.22
C THR B 388 23.44 -9.33 8.40
N LEU B 389 23.38 -8.01 8.28
CA LEU B 389 22.81 -7.15 9.31
C LEU B 389 21.51 -6.52 8.82
N TYR B 390 20.46 -6.62 9.62
CA TYR B 390 19.24 -5.89 9.35
C TYR B 390 19.61 -4.47 8.95
N GLN B 391 18.85 -3.88 8.03
CA GLN B 391 19.01 -2.47 7.75
C GLN B 391 18.40 -1.67 8.90
N ASP B 392 18.95 -0.49 9.15
CA ASP B 392 18.53 0.32 10.28
C ASP B 392 17.02 0.56 10.26
N TRP B 393 16.46 0.71 9.07
CA TRP B 393 15.03 0.96 8.91
C TRP B 393 14.20 -0.32 8.90
N ASP B 394 14.86 -1.46 9.10
CA ASP B 394 14.17 -2.74 9.10
C ASP B 394 13.67 -3.12 10.49
N ILE B 395 14.33 -2.59 11.52
CA ILE B 395 14.00 -2.95 12.90
C ILE B 395 12.66 -2.36 13.34
N VAL B 396 11.75 -3.23 13.74
CA VAL B 396 10.49 -2.81 14.35
C VAL B 396 10.74 -2.53 15.83
N ILE B 397 10.30 -1.37 16.30
CA ILE B 397 10.57 -0.96 17.67
C ILE B 397 9.59 -1.55 18.67
N ASP B 398 10.11 -1.94 19.83
CA ASP B 398 9.27 -2.41 20.93
C ASP B 398 10.04 -2.31 22.24
N ASP B 399 9.33 -2.06 23.33
CA ASP B 399 9.94 -1.95 24.65
C ASP B 399 10.63 -3.25 25.04
N SER B 400 10.04 -4.36 24.62
CA SER B 400 10.63 -5.67 24.85
C SER B 400 11.51 -6.05 23.66
N ALA B 401 12.77 -6.39 23.94
CA ALA B 401 13.71 -6.73 22.89
C ALA B 401 13.29 -8.00 22.14
N ASP B 402 12.78 -8.98 22.88
CA ASP B 402 12.32 -10.22 22.26
C ASP B 402 11.18 -9.95 21.29
N VAL B 403 10.22 -9.15 21.73
CA VAL B 403 9.08 -8.77 20.89
C VAL B 403 9.55 -7.96 19.69
N SER B 404 10.60 -7.16 19.91
CA SER B 404 11.16 -6.33 18.86
C SER B 404 11.78 -7.19 17.76
N LEU B 405 12.55 -8.19 18.18
CA LEU B 405 13.25 -9.05 17.24
C LEU B 405 12.29 -10.00 16.52
N ALA B 406 11.26 -10.46 17.24
CA ALA B 406 10.25 -11.33 16.63
C ALA B 406 9.42 -10.55 15.61
N SER B 407 9.18 -9.28 15.89
CA SER B 407 8.39 -8.44 15.01
C SER B 407 9.21 -8.00 13.80
N THR B 408 10.51 -7.83 13.98
CA THR B 408 11.38 -7.44 12.88
C THR B 408 11.48 -8.57 11.85
N LEU B 409 11.51 -9.81 12.33
CA LEU B 409 11.56 -10.96 11.45
C LEU B 409 10.24 -11.11 10.69
N GLN B 410 9.13 -10.86 11.40
CA GLN B 410 7.81 -10.90 10.79
C GLN B 410 7.73 -9.90 9.64
N LEU B 411 8.23 -8.70 9.89
CA LEU B 411 8.25 -7.65 8.88
C LEU B 411 9.19 -8.06 7.75
N TYR B 412 10.20 -8.85 8.08
CA TYR B 412 11.17 -9.30 7.08
C TYR B 412 10.54 -10.32 6.13
N GLN B 413 9.64 -11.15 6.66
CA GLN B 413 8.92 -12.11 5.85
C GLN B 413 7.99 -11.39 4.87
N LYS B 414 7.39 -10.29 5.33
CA LYS B 414 6.47 -9.53 4.48
C LYS B 414 7.20 -8.86 3.33
N LYS B 415 8.48 -8.55 3.51
CA LYS B 415 9.24 -7.83 2.51
C LYS B 415 10.22 -8.71 1.73
N ASN B 416 10.36 -9.97 2.14
CA ASN B 416 11.30 -10.86 1.48
C ASN B 416 10.73 -12.25 1.19
N TYR B 417 9.41 -12.36 1.12
CA TYR B 417 8.78 -13.64 0.81
C TYR B 417 9.15 -14.13 -0.59
N ASP B 418 9.87 -13.30 -1.34
CA ASP B 418 10.28 -13.64 -2.70
C ASP B 418 11.64 -14.31 -2.74
N LYS B 419 12.43 -14.14 -1.68
CA LYS B 419 13.79 -14.66 -1.65
C LYS B 419 13.95 -15.91 -0.77
N TYR B 420 13.20 -15.97 0.34
CA TYR B 420 13.38 -17.04 1.31
C TYR B 420 12.08 -17.74 1.66
N ARG B 421 12.17 -19.03 1.97
CA ARG B 421 11.00 -19.83 2.29
C ARG B 421 10.73 -19.85 3.80
N ARG B 422 11.70 -20.30 4.57
CA ARG B 422 11.54 -20.43 6.01
C ARG B 422 12.06 -19.22 6.77
N PHE B 423 11.40 -18.86 7.85
CA PHE B 423 11.84 -17.80 8.73
C PHE B 423 11.82 -18.31 10.17
N VAL B 424 13.00 -18.62 10.70
CA VAL B 424 13.13 -19.28 11.99
C VAL B 424 13.71 -18.35 13.04
N LEU B 425 13.06 -18.27 14.19
CA LEU B 425 13.53 -17.46 15.30
C LEU B 425 13.82 -18.31 16.53
N ILE B 426 15.08 -18.40 16.90
CA ILE B 426 15.48 -19.14 18.09
C ILE B 426 15.28 -18.26 19.33
N HIS B 427 14.51 -18.76 20.29
CA HIS B 427 14.12 -17.98 21.46
C HIS B 427 14.05 -18.85 22.70
N GLU B 428 14.43 -18.27 23.84
CA GLU B 428 14.57 -19.03 25.09
C GLU B 428 13.35 -19.90 25.43
N LEU B 429 12.19 -19.26 25.59
CA LEU B 429 10.98 -19.98 25.98
C LEU B 429 10.02 -20.06 24.79
N LYS B 430 9.63 -21.28 24.42
CA LYS B 430 8.89 -21.52 23.19
C LYS B 430 7.50 -20.86 23.17
N ASN B 431 6.74 -21.01 24.25
CA ASN B 431 5.39 -20.43 24.33
C ASN B 431 5.37 -19.07 25.00
N GLU B 432 6.45 -18.32 24.89
CA GLU B 432 6.55 -17.00 25.51
C GLU B 432 6.07 -15.93 24.55
N LEU B 433 6.26 -16.17 23.26
CA LEU B 433 5.86 -15.22 22.22
C LEU B 433 4.65 -15.75 21.45
N THR B 434 3.74 -14.86 21.10
CA THR B 434 2.60 -15.24 20.27
C THR B 434 3.11 -15.69 18.90
N PRO B 435 2.60 -16.82 18.38
CA PRO B 435 3.08 -17.33 17.10
C PRO B 435 2.82 -16.36 15.95
N VAL B 436 3.73 -16.36 14.98
CA VAL B 436 3.55 -15.59 13.76
C VAL B 436 3.41 -16.55 12.60
N ASN B 437 2.29 -16.47 11.87
CA ASN B 437 2.07 -17.36 10.75
C ASN B 437 3.17 -17.24 9.70
N GLY B 438 3.77 -18.39 9.36
CA GLY B 438 4.85 -18.42 8.40
C GLY B 438 6.21 -18.51 9.06
N LEU B 439 6.26 -18.20 10.36
CA LEU B 439 7.50 -18.26 11.12
C LEU B 439 7.55 -19.50 12.00
N ASP B 440 8.77 -19.94 12.32
CA ASP B 440 8.98 -20.97 13.33
C ASP B 440 9.66 -20.36 14.54
N ILE B 441 8.93 -20.23 15.64
CA ILE B 441 9.50 -19.72 16.89
C ILE B 441 9.91 -20.91 17.77
N VAL B 442 11.18 -21.28 17.68
CA VAL B 442 11.67 -22.48 18.34
C VAL B 442 12.81 -22.14 19.29
N ASP B 443 12.96 -22.92 20.36
CA ASP B 443 14.13 -22.79 21.21
C ASP B 443 15.27 -23.56 20.57
N TYR B 444 16.47 -23.45 21.12
CA TYR B 444 17.64 -24.06 20.50
C TYR B 444 17.45 -25.56 20.28
N ASP B 445 17.01 -26.26 21.31
CA ASP B 445 16.81 -27.70 21.22
C ASP B 445 15.94 -28.07 20.03
N GLU B 446 14.83 -27.36 19.85
CA GLU B 446 13.96 -27.59 18.71
C GLU B 446 14.71 -27.38 17.40
N PHE B 447 15.44 -26.27 17.32
CA PHE B 447 16.23 -25.96 16.13
C PHE B 447 17.31 -27.03 15.93
N LYS B 448 17.78 -27.61 17.03
CA LYS B 448 18.87 -28.57 16.98
C LYS B 448 18.42 -29.90 16.40
N GLU B 449 17.25 -30.37 16.82
CA GLU B 449 16.77 -31.69 16.39
C GLU B 449 16.15 -31.67 15.00
N THR B 450 15.54 -30.54 14.63
CA THR B 450 14.78 -30.46 13.39
C THR B 450 15.63 -29.95 12.22
N PHE B 451 16.23 -28.78 12.38
CA PHE B 451 16.94 -28.13 11.28
C PHE B 451 18.38 -28.61 11.17
N MET B 452 19.04 -28.81 12.31
CA MET B 452 20.44 -29.19 12.32
C MET B 452 20.62 -30.68 12.04
N ARG B 453 19.53 -31.44 12.12
CA ARG B 453 19.57 -32.86 11.79
C ARG B 453 19.47 -33.02 10.27
N ALA B 454 20.63 -33.04 9.61
CA ALA B 454 20.68 -33.12 8.17
C ALA B 454 22.11 -33.34 7.69
N GLU C 55 -26.84 39.43 10.49
CA GLU C 55 -26.94 38.67 9.22
C GLU C 55 -27.43 37.26 9.48
N THR C 56 -27.25 36.39 8.48
CA THR C 56 -27.61 34.98 8.62
C THR C 56 -26.35 34.12 8.71
N HIS C 57 -25.19 34.78 8.69
CA HIS C 57 -23.90 34.11 8.83
C HIS C 57 -23.12 34.70 9.99
N ILE C 58 -22.29 33.88 10.63
CA ILE C 58 -21.42 34.37 11.71
C ILE C 58 -20.05 33.70 11.66
N ASN C 59 -19.02 34.44 12.03
CA ASN C 59 -17.65 33.93 12.02
C ASN C 59 -17.25 33.31 13.35
N LEU C 60 -17.34 31.99 13.42
CA LEU C 60 -16.87 31.26 14.60
C LEU C 60 -15.36 31.07 14.54
N LYS C 61 -14.74 30.91 15.70
CA LYS C 61 -13.30 30.70 15.77
C LYS C 61 -12.99 29.45 16.58
N VAL C 62 -12.57 28.40 15.89
CA VAL C 62 -12.22 27.14 16.55
C VAL C 62 -10.73 27.12 16.88
N SER C 63 -10.42 26.93 18.16
CA SER C 63 -9.04 26.91 18.61
C SER C 63 -8.79 25.74 19.56
N ASP C 64 -7.62 25.12 19.43
CA ASP C 64 -7.26 23.99 20.29
C ASP C 64 -6.14 24.36 21.25
N GLY C 65 -5.64 25.58 21.14
CA GLY C 65 -4.57 26.07 22.00
C GLY C 65 -3.34 26.49 21.21
N SER C 66 -3.03 25.72 20.16
CA SER C 66 -1.88 26.01 19.32
C SER C 66 -2.35 26.53 17.96
N SER C 67 -3.31 25.84 17.36
CA SER C 67 -3.84 26.23 16.07
C SER C 67 -5.06 27.13 16.21
N GLU C 68 -5.40 27.83 15.14
CA GLU C 68 -6.56 28.71 15.14
C GLU C 68 -7.15 28.77 13.74
N ILE C 69 -8.46 28.52 13.66
CA ILE C 69 -9.15 28.49 12.37
C ILE C 69 -10.53 29.13 12.48
N PHE C 70 -10.89 29.92 11.48
CA PHE C 70 -12.17 30.61 11.46
C PHE C 70 -13.15 29.94 10.49
N PHE C 71 -14.43 29.96 10.84
CA PHE C 71 -15.46 29.37 10.00
C PHE C 71 -16.63 30.34 9.78
N LYS C 72 -17.06 30.45 8.53
CA LYS C 72 -18.27 31.20 8.19
C LYS C 72 -19.42 30.23 8.06
N ILE C 73 -20.41 30.33 8.94
CA ILE C 73 -21.49 29.36 8.99
C ILE C 73 -22.85 30.01 9.22
N LYS C 74 -23.88 29.45 8.59
CA LYS C 74 -25.26 29.90 8.82
C LYS C 74 -25.69 29.49 10.22
N LYS C 75 -26.51 30.33 10.85
CA LYS C 75 -27.03 30.03 12.17
C LYS C 75 -28.05 28.89 12.12
N THR C 76 -28.33 28.41 10.91
CA THR C 76 -29.36 27.38 10.71
C THR C 76 -28.78 26.11 10.07
N THR C 77 -27.54 25.79 10.38
CA THR C 77 -26.92 24.59 9.86
C THR C 77 -26.21 23.79 10.96
N PRO C 78 -26.12 22.46 10.78
CA PRO C 78 -25.54 21.56 11.78
C PRO C 78 -24.04 21.76 11.94
N LEU C 79 -23.60 21.97 13.16
CA LEU C 79 -22.18 22.16 13.46
C LEU C 79 -21.35 20.95 13.08
N ARG C 80 -22.02 19.86 12.70
CA ARG C 80 -21.34 18.64 12.28
C ARG C 80 -20.27 18.93 11.23
N ARG C 81 -20.60 19.80 10.28
CA ARG C 81 -19.70 20.13 9.19
C ARG C 81 -18.45 20.86 9.67
N LEU C 82 -18.63 21.77 10.61
CA LEU C 82 -17.51 22.52 11.17
C LEU C 82 -16.60 21.60 11.97
N MET C 83 -17.20 20.76 12.79
CA MET C 83 -16.43 19.80 13.57
C MET C 83 -15.73 18.82 12.66
N GLU C 84 -16.51 18.12 11.84
CA GLU C 84 -15.99 17.09 10.95
C GLU C 84 -14.87 17.65 10.09
N ALA C 85 -14.92 18.95 9.80
CA ALA C 85 -13.95 19.59 8.92
C ALA C 85 -12.70 20.02 9.69
N PHE C 86 -12.89 20.56 10.89
CA PHE C 86 -11.76 21.00 11.70
C PHE C 86 -10.84 19.83 12.03
N ALA C 87 -11.42 18.65 12.17
CA ALA C 87 -10.66 17.44 12.48
C ALA C 87 -9.84 17.01 11.27
N LYS C 88 -10.42 17.13 10.08
CA LYS C 88 -9.73 16.74 8.85
C LYS C 88 -8.37 17.42 8.75
N ARG C 89 -8.29 18.64 9.27
CA ARG C 89 -7.05 19.40 9.23
C ARG C 89 -5.97 18.76 10.08
N GLN C 90 -6.38 18.12 11.17
CA GLN C 90 -5.45 17.40 12.02
C GLN C 90 -5.40 15.92 11.65
N GLY C 91 -6.19 15.55 10.63
CA GLY C 91 -6.23 14.17 10.17
C GLY C 91 -7.01 13.27 11.10
N LYS C 92 -7.61 13.86 12.14
CA LYS C 92 -8.34 13.10 13.14
C LYS C 92 -9.81 12.98 12.76
N GLU C 93 -10.53 12.10 13.46
CA GLU C 93 -11.96 11.94 13.23
C GLU C 93 -12.73 12.85 14.18
N MET C 94 -13.93 13.25 13.75
CA MET C 94 -14.77 14.13 14.56
C MET C 94 -14.84 13.63 15.99
N ASP C 95 -14.97 12.31 16.14
CA ASP C 95 -15.14 11.70 17.46
C ASP C 95 -13.92 11.89 18.33
N SER C 96 -12.73 11.71 17.74
CA SER C 96 -11.47 11.79 18.47
C SER C 96 -11.37 13.07 19.30
N LEU C 97 -11.99 14.14 18.83
CA LEU C 97 -11.92 15.43 19.50
C LEU C 97 -13.22 15.76 20.23
N THR C 98 -13.10 16.54 21.30
CA THR C 98 -14.27 17.01 22.05
C THR C 98 -14.40 18.52 21.91
N PHE C 99 -15.46 18.96 21.25
CA PHE C 99 -15.70 20.38 21.04
C PHE C 99 -16.53 20.96 22.17
N LEU C 100 -16.06 22.06 22.76
CA LEU C 100 -16.78 22.71 23.84
C LEU C 100 -16.95 24.20 23.57
N TYR C 101 -18.13 24.72 23.92
CA TYR C 101 -18.38 26.15 23.86
C TYR C 101 -19.04 26.59 25.16
N ASP C 102 -18.36 27.43 25.93
CA ASP C 102 -18.83 27.85 27.23
C ASP C 102 -19.00 26.66 28.17
N GLY C 103 -17.97 25.82 28.24
CA GLY C 103 -17.93 24.73 29.19
C GLY C 103 -18.72 23.49 28.78
N ILE C 104 -19.81 23.69 28.04
CA ILE C 104 -20.67 22.59 27.63
C ILE C 104 -20.17 21.99 26.32
N GLU C 105 -20.40 20.69 26.15
CA GLU C 105 -19.97 19.98 24.94
C GLU C 105 -20.94 20.22 23.79
N ILE C 106 -20.47 19.97 22.57
CA ILE C 106 -21.27 20.21 21.38
C ILE C 106 -21.41 18.94 20.56
N GLN C 107 -22.62 18.69 20.06
CA GLN C 107 -22.88 17.52 19.23
C GLN C 107 -23.23 17.91 17.80
N ALA C 108 -22.94 17.01 16.87
CA ALA C 108 -23.12 17.25 15.44
C ALA C 108 -24.47 17.91 15.12
N ASP C 109 -25.50 17.51 15.84
CA ASP C 109 -26.86 17.96 15.55
C ASP C 109 -27.09 19.42 15.91
N GLN C 110 -26.59 19.83 17.07
CA GLN C 110 -26.77 21.21 17.53
C GLN C 110 -26.34 22.22 16.48
N THR C 111 -27.02 23.36 16.43
CA THR C 111 -26.70 24.43 15.50
C THR C 111 -26.41 25.71 16.27
N PRO C 112 -25.73 26.67 15.62
CA PRO C 112 -25.41 27.95 16.27
C PRO C 112 -26.67 28.60 16.84
N GLU C 113 -27.79 28.40 16.14
CA GLU C 113 -29.09 28.84 16.64
C GLU C 113 -29.42 28.15 17.96
N ASP C 114 -29.38 26.83 17.95
CA ASP C 114 -29.73 26.03 19.11
C ASP C 114 -28.91 26.42 20.34
N LEU C 115 -27.71 26.96 20.12
CA LEU C 115 -26.82 27.31 21.21
C LEU C 115 -26.62 28.82 21.34
N ASP C 116 -27.47 29.58 20.64
CA ASP C 116 -27.43 31.03 20.71
C ASP C 116 -26.00 31.58 20.69
N MET C 117 -25.26 31.26 19.63
CA MET C 117 -23.91 31.75 19.47
C MET C 117 -23.93 33.14 18.83
N GLU C 118 -22.83 33.88 18.99
CA GLU C 118 -22.71 35.20 18.38
C GLU C 118 -21.50 35.25 17.46
N ASP C 119 -21.46 36.26 16.60
CA ASP C 119 -20.33 36.46 15.70
C ASP C 119 -19.06 36.66 16.51
N ASN C 120 -17.99 36.00 16.09
CA ASN C 120 -16.70 36.09 16.77
C ASN C 120 -16.69 35.43 18.15
N ASP C 121 -17.52 34.41 18.33
CA ASP C 121 -17.45 33.58 19.53
C ASP C 121 -16.44 32.46 19.30
N ILE C 122 -15.93 31.88 20.38
CA ILE C 122 -14.86 30.90 20.28
C ILE C 122 -15.32 29.51 20.71
N ILE C 123 -14.95 28.51 19.91
CA ILE C 123 -15.25 27.12 20.23
C ILE C 123 -13.95 26.37 20.57
N GLU C 124 -13.88 25.87 21.80
CA GLU C 124 -12.69 25.13 22.24
C GLU C 124 -12.69 23.71 21.68
N ALA C 125 -11.53 23.29 21.19
CA ALA C 125 -11.36 21.93 20.68
C ALA C 125 -10.25 21.23 21.45
N HIS C 126 -10.63 20.29 22.31
CA HIS C 126 -9.68 19.62 23.19
C HIS C 126 -9.35 18.21 22.72
N ARG C 127 -8.05 17.97 22.54
CA ARG C 127 -7.55 16.64 22.24
C ARG C 127 -7.59 15.78 23.49
N GLU C 128 -7.72 14.47 23.32
CA GLU C 128 -7.70 13.55 24.44
C GLU C 128 -6.26 13.36 24.93
N GLN C 129 -6.08 13.29 26.25
CA GLN C 129 -4.75 13.23 26.84
C GLN C 129 -3.92 12.06 26.30
N ILE C 130 -2.69 12.38 25.90
CA ILE C 130 -1.78 11.35 25.37
C ILE C 130 -1.01 10.70 26.51
N GLY C 131 -1.45 9.52 26.91
CA GLY C 131 -0.80 8.79 27.99
C GLY C 131 -0.57 9.66 29.22
N GLY C 132 0.65 9.66 29.71
CA GLY C 132 1.02 10.49 30.85
C GLY C 132 1.97 11.59 30.45
N LEU C 133 1.81 12.09 29.23
CA LEU C 133 2.67 13.14 28.69
C LEU C 133 2.78 14.36 29.60
N PRO C 134 1.65 14.77 30.22
CA PRO C 134 1.72 15.97 31.07
C PRO C 134 2.51 15.77 32.37
N SER C 135 2.78 14.53 32.74
CA SER C 135 3.44 14.23 34.00
C SER C 135 4.96 14.18 33.88
N LEU C 136 5.47 14.22 32.66
CA LEU C 136 6.89 13.98 32.41
C LEU C 136 7.84 14.87 33.23
N PRO C 137 7.59 16.20 33.25
CA PRO C 137 8.52 17.06 33.98
C PRO C 137 8.60 16.73 35.47
N PHE C 138 7.47 16.42 36.09
CA PHE C 138 7.44 16.07 37.50
C PHE C 138 8.18 14.76 37.78
N LEU C 139 8.10 13.82 36.85
CA LEU C 139 8.79 12.55 37.01
C LEU C 139 10.30 12.75 36.94
N ALA C 140 10.73 13.80 36.24
CA ALA C 140 12.15 14.08 36.05
C ALA C 140 12.74 14.90 37.20
N CYS C 141 11.89 15.53 38.00
CA CYS C 141 12.36 16.36 39.10
C CYS C 141 12.81 15.53 40.29
N ILE C 142 12.09 14.45 40.57
CA ILE C 142 12.39 13.58 41.70
C ILE C 142 13.83 13.08 41.63
N SER C 143 14.45 12.93 42.79
CA SER C 143 15.85 12.54 42.86
C SER C 143 16.11 11.67 44.08
N ASP C 144 17.35 11.19 44.22
CA ASP C 144 17.73 10.42 45.40
C ASP C 144 17.75 11.32 46.62
N PHE C 145 17.37 10.77 47.77
CA PHE C 145 17.29 11.53 49.00
C PHE C 145 18.67 12.04 49.41
N PRO C 146 18.79 13.35 49.67
CA PRO C 146 20.06 13.99 50.01
C PRO C 146 20.79 13.30 51.17
N GLU C 147 22.11 13.46 51.21
CA GLU C 147 22.92 12.90 52.28
C GLU C 147 24.17 13.75 52.51
N ARG C 153 23.46 15.40 42.02
CA ARG C 153 24.53 15.30 41.03
C ARG C 153 24.18 16.07 39.76
N ARG C 154 23.29 15.50 38.95
CA ARG C 154 22.91 16.11 37.68
C ARG C 154 21.66 16.96 37.80
N SER C 155 21.54 17.95 36.92
CA SER C 155 20.38 18.85 36.90
C SER C 155 19.09 18.08 36.66
N ALA C 156 17.97 18.74 36.87
CA ALA C 156 16.66 18.14 36.62
C ALA C 156 16.39 18.05 35.13
N THR C 157 16.91 19.01 34.37
CA THR C 157 16.74 19.00 32.92
C THR C 157 17.32 17.73 32.31
N VAL C 158 18.44 17.28 32.86
CA VAL C 158 19.11 16.08 32.35
C VAL C 158 18.25 14.84 32.58
N SER C 159 17.51 14.82 33.68
CA SER C 159 16.59 13.72 33.95
C SER C 159 15.39 13.79 33.02
N LEU C 160 15.00 15.02 32.66
CA LEU C 160 13.91 15.22 31.72
C LEU C 160 14.31 14.63 30.36
N GLU C 161 15.59 14.67 30.06
CA GLU C 161 16.11 14.04 28.84
C GLU C 161 15.85 12.54 28.91
N ARG C 162 16.08 11.97 30.09
CA ARG C 162 15.89 10.54 30.30
C ARG C 162 14.40 10.17 30.23
N VAL C 163 13.56 11.00 30.84
CA VAL C 163 12.12 10.74 30.86
C VAL C 163 11.51 10.88 29.47
N HIS C 164 11.95 11.89 28.72
CA HIS C 164 11.49 12.08 27.35
C HIS C 164 11.89 10.87 26.51
N GLU C 165 13.09 10.36 26.76
CA GLU C 165 13.59 9.19 26.06
C GLU C 165 12.72 7.97 26.32
N LEU C 166 12.34 7.77 27.58
CA LEU C 166 11.48 6.65 27.97
C LEU C 166 10.10 6.79 27.34
N PHE C 167 9.56 8.01 27.36
CA PHE C 167 8.26 8.26 26.78
C PHE C 167 8.27 8.01 25.28
N THR C 168 9.24 8.61 24.59
CA THR C 168 9.34 8.47 23.14
C THR C 168 9.38 7.01 22.74
N GLU C 169 10.29 6.25 23.37
CA GLU C 169 10.43 4.82 23.07
C GLU C 169 9.12 4.08 23.28
N HIS C 170 8.47 4.33 24.41
CA HIS C 170 7.24 3.64 24.75
C HIS C 170 6.09 4.04 23.83
N TRP C 171 6.07 5.30 23.42
CA TRP C 171 5.03 5.79 22.52
C TRP C 171 5.18 5.12 21.17
N LEU C 172 6.41 5.02 20.68
CA LEU C 172 6.69 4.35 19.43
C LEU C 172 6.32 2.88 19.52
N SER C 173 6.66 2.25 20.64
CA SER C 173 6.38 0.84 20.85
C SER C 173 4.87 0.57 20.72
N ASN C 174 4.06 1.55 21.11
CA ASN C 174 2.61 1.41 21.08
C ASN C 174 2.01 1.52 19.69
N LEU C 175 2.77 2.07 18.75
CA LEU C 175 2.29 2.28 17.39
C LEU C 175 1.76 1.00 16.75
N LYS C 176 2.32 -0.14 17.15
CA LYS C 176 1.90 -1.42 16.60
C LYS C 176 0.45 -1.74 16.96
N ASN C 177 0.03 -1.29 18.13
CA ASN C 177 -1.31 -1.60 18.62
C ASN C 177 -2.31 -0.47 18.37
N ARG C 178 -1.88 0.54 17.62
CA ARG C 178 -2.74 1.69 17.32
C ARG C 178 -3.62 1.41 16.11
N ARG C 179 -4.83 1.96 16.13
CA ARG C 179 -5.80 1.75 15.05
C ARG C 179 -6.04 3.01 14.23
N GLU C 180 -5.37 4.10 14.61
CA GLU C 180 -5.55 5.38 13.91
C GLU C 180 -4.82 5.37 12.57
N LYS C 181 -5.30 6.16 11.63
CA LYS C 181 -4.64 6.31 10.33
C LYS C 181 -3.28 6.99 10.50
N ARG C 182 -2.41 6.80 9.53
CA ARG C 182 -1.06 7.36 9.60
C ARG C 182 -1.09 8.87 9.84
N GLN C 183 -1.90 9.56 9.05
CA GLN C 183 -1.96 11.02 9.08
C GLN C 183 -2.20 11.54 10.50
N GLU C 184 -3.07 10.86 11.24
CA GLU C 184 -3.40 11.27 12.60
C GLU C 184 -2.25 11.00 13.56
N LEU C 185 -1.64 9.82 13.44
CA LEU C 185 -0.51 9.46 14.28
C LEU C 185 0.68 10.37 13.99
N ALA C 186 0.84 10.77 12.72
CA ALA C 186 1.89 11.69 12.35
C ALA C 186 1.73 12.98 13.15
N GLU C 187 0.54 13.56 13.10
CA GLU C 187 0.26 14.80 13.80
C GLU C 187 0.50 14.64 15.29
N GLU C 188 0.06 13.51 15.85
CA GLU C 188 0.20 13.26 17.28
C GLU C 188 1.68 13.17 17.69
N ALA C 189 2.50 12.56 16.85
CA ALA C 189 3.92 12.46 17.11
C ALA C 189 4.51 13.87 17.21
N VAL C 190 4.18 14.71 16.25
CA VAL C 190 4.69 16.09 16.22
C VAL C 190 4.21 16.87 17.43
N TYR C 191 2.97 16.63 17.84
CA TYR C 191 2.42 17.28 19.02
C TYR C 191 3.20 16.88 20.27
N CYS C 192 3.48 15.59 20.40
CA CYS C 192 4.23 15.07 21.54
C CYS C 192 5.58 15.79 21.68
N ARG C 193 6.30 15.92 20.57
CA ARG C 193 7.60 16.55 20.58
C ARG C 193 7.49 18.05 20.90
N SER C 194 6.43 18.69 20.43
CA SER C 194 6.24 20.11 20.69
C SER C 194 5.91 20.32 22.17
N GLU C 195 5.19 19.36 22.74
CA GLU C 195 4.81 19.44 24.15
C GLU C 195 6.04 19.18 25.02
N MET C 196 6.86 18.22 24.61
CA MET C 196 8.08 17.91 25.35
C MET C 196 9.04 19.09 25.32
N LEU C 197 9.19 19.71 24.16
CA LEU C 197 10.04 20.88 24.02
C LEU C 197 9.57 21.99 24.97
N SER C 198 8.26 22.16 25.06
CA SER C 198 7.67 23.15 25.95
C SER C 198 8.12 22.89 27.38
N GLN C 199 7.98 21.64 27.82
CA GLN C 199 8.35 21.23 29.16
C GLN C 199 9.81 21.60 29.47
N ARG C 200 10.69 21.30 28.52
CA ARG C 200 12.10 21.65 28.67
C ARG C 200 12.28 23.11 29.05
N LYS C 201 11.69 24.00 28.26
CA LYS C 201 11.81 25.43 28.49
C LYS C 201 11.28 25.83 29.86
N LEU C 202 10.11 25.31 30.21
CA LEU C 202 9.49 25.64 31.49
C LEU C 202 10.40 25.22 32.65
N LEU C 203 10.94 24.01 32.55
CA LEU C 203 11.81 23.47 33.59
C LEU C 203 13.09 24.30 33.70
N ALA C 204 13.77 24.48 32.57
CA ALA C 204 15.01 25.24 32.53
C ALA C 204 14.82 26.61 33.20
N ALA C 205 13.64 27.19 33.03
CA ALA C 205 13.33 28.50 33.59
C ALA C 205 13.38 28.48 35.11
N VAL C 206 12.84 27.43 35.71
CA VAL C 206 12.80 27.32 37.17
C VAL C 206 14.21 27.27 37.74
N SER D 12 -5.47 -4.48 62.69
CA SER D 12 -6.73 -4.02 63.26
C SER D 12 -7.34 -2.92 62.42
N THR D 13 -8.66 -2.96 62.26
CA THR D 13 -9.38 -1.95 61.51
C THR D 13 -10.17 -1.03 62.45
N LEU D 14 -9.92 -1.17 63.75
CA LEU D 14 -10.49 -0.28 64.74
C LEU D 14 -9.63 0.97 64.86
N SER D 15 -8.34 0.80 64.59
CA SER D 15 -7.38 1.89 64.66
C SER D 15 -7.76 3.01 63.70
N ASP D 16 -7.64 4.26 64.18
CA ASP D 16 -7.86 5.42 63.34
C ASP D 16 -6.53 5.95 62.80
N TYR D 17 -5.46 5.21 63.05
CA TYR D 17 -4.12 5.68 62.73
C TYR D 17 -3.38 4.76 61.76
N PHE D 18 -2.47 5.35 61.01
CA PHE D 18 -1.58 4.61 60.12
C PHE D 18 -0.18 4.61 60.74
N ARG D 19 0.21 3.47 61.30
CA ARG D 19 1.44 3.37 62.07
C ARG D 19 2.52 2.67 61.26
N PHE D 20 3.73 3.24 61.26
CA PHE D 20 4.82 2.68 60.48
C PHE D 20 6.20 3.09 61.01
N VAL D 21 7.21 2.32 60.62
CA VAL D 21 8.60 2.65 60.92
C VAL D 21 9.19 3.44 59.76
N LEU D 22 9.86 4.54 60.08
CA LEU D 22 10.46 5.38 59.04
C LEU D 22 11.96 5.16 58.92
N ARG D 23 12.38 4.62 57.78
CA ARG D 23 13.79 4.51 57.45
C ARG D 23 14.11 5.52 56.35
N VAL D 24 15.33 6.00 56.31
CA VAL D 24 15.69 7.11 55.41
C VAL D 24 16.98 6.87 54.65
N GLY D 25 17.03 7.40 53.43
CA GLY D 25 18.23 7.34 52.62
C GLY D 25 18.56 5.95 52.11
N LYS D 26 19.57 5.87 51.27
CA LYS D 26 20.03 4.58 50.75
C LYS D 26 20.70 3.77 51.84
N SER D 27 21.10 4.46 52.92
CA SER D 27 21.69 3.79 54.08
C SER D 27 20.59 3.15 54.92
N LEU D 28 19.35 3.56 54.68
CA LEU D 28 18.19 3.03 55.39
C LEU D 28 18.38 3.07 56.90
N TYR D 29 18.89 4.19 57.42
CA TYR D 29 19.03 4.36 58.85
C TYR D 29 17.65 4.53 59.49
N TYR D 30 17.50 4.07 60.72
CA TYR D 30 16.23 4.16 61.42
C TYR D 30 16.00 5.56 61.95
N ALA D 31 14.83 6.12 61.63
CA ALA D 31 14.50 7.49 62.01
C ALA D 31 13.56 7.52 63.21
N GLY D 32 12.56 6.63 63.22
CA GLY D 32 11.62 6.56 64.31
C GLY D 32 10.31 5.88 63.98
N GLU D 33 9.41 5.84 64.96
CA GLU D 33 8.07 5.28 64.80
C GLU D 33 7.06 6.41 64.70
N LEU D 34 6.24 6.38 63.65
CA LEU D 34 5.29 7.47 63.40
C LEU D 34 3.85 6.99 63.30
N SER D 35 2.92 7.88 63.60
CA SER D 35 1.49 7.59 63.46
C SER D 35 0.80 8.74 62.74
N PHE D 36 -0.01 8.41 61.74
CA PHE D 36 -0.72 9.41 60.95
C PHE D 36 -2.23 9.19 61.08
N ASP D 37 -2.94 10.24 61.47
CA ASP D 37 -4.38 10.15 61.68
C ASP D 37 -5.12 10.03 60.35
N ILE D 38 -5.83 8.92 60.18
CA ILE D 38 -6.53 8.63 58.94
C ILE D 38 -8.02 8.42 59.16
N SER D 39 -8.52 8.91 60.29
CA SER D 39 -9.93 8.73 60.65
C SER D 39 -10.85 9.40 59.63
N LYS D 40 -10.40 10.53 59.08
CA LYS D 40 -11.19 11.28 58.11
C LYS D 40 -11.23 10.60 56.75
N LEU D 41 -10.70 9.37 56.69
CA LEU D 41 -10.61 8.63 55.44
C LEU D 41 -11.53 7.42 55.49
N LYS D 42 -11.85 6.96 56.69
CA LYS D 42 -12.76 5.83 56.85
C LYS D 42 -14.15 6.17 56.35
N ALA D 43 -14.60 7.39 56.63
CA ALA D 43 -15.90 7.86 56.19
C ALA D 43 -16.02 7.77 54.67
N GLU D 44 -15.07 8.37 53.97
CA GLU D 44 -15.04 8.34 52.51
C GLU D 44 -15.16 6.90 52.02
N THR D 45 -15.98 6.71 50.98
CA THR D 45 -16.16 5.40 50.36
C THR D 45 -15.32 5.29 49.10
N GLU D 46 -14.68 6.40 48.72
CA GLU D 46 -13.97 6.47 47.45
C GLU D 46 -12.58 5.83 47.48
N HIS D 47 -11.92 5.90 48.63
CA HIS D 47 -10.52 5.48 48.74
C HIS D 47 -10.34 4.26 49.64
N GLN D 48 -11.22 3.28 49.52
CA GLN D 48 -11.11 2.06 50.32
C GLN D 48 -9.87 1.26 49.92
N GLN D 49 -9.65 1.14 48.61
CA GLN D 49 -8.49 0.41 48.10
C GLN D 49 -7.20 1.02 48.63
N LEU D 50 -7.20 2.33 48.82
CA LEU D 50 -6.02 3.04 49.30
C LEU D 50 -5.82 2.79 50.80
N LEU D 51 -6.90 2.86 51.56
CA LEU D 51 -6.83 2.71 53.01
C LEU D 51 -6.37 1.31 53.39
N ARG D 52 -7.00 0.29 52.80
CA ARG D 52 -6.64 -1.10 53.08
C ARG D 52 -5.14 -1.31 52.92
N SER D 53 -4.56 -0.71 51.87
CA SER D 53 -3.13 -0.82 51.62
C SER D 53 -2.32 0.03 52.60
N LEU D 54 -2.94 1.10 53.09
CA LEU D 54 -2.25 2.03 53.98
C LEU D 54 -2.11 1.45 55.39
N VAL D 55 -3.17 0.84 55.88
CA VAL D 55 -3.17 0.24 57.21
C VAL D 55 -2.19 -0.93 57.29
N SER D 56 -2.17 -1.75 56.25
CA SER D 56 -1.33 -2.94 56.23
C SER D 56 0.15 -2.58 56.16
N CYS D 57 0.44 -1.33 55.84
CA CYS D 57 1.84 -0.88 55.75
C CYS D 57 2.42 -0.63 57.13
N LYS D 58 3.53 -1.30 57.43
CA LYS D 58 4.17 -1.18 58.73
C LYS D 58 5.54 -0.51 58.62
N GLN D 59 5.98 -0.27 57.39
CA GLN D 59 7.28 0.36 57.18
C GLN D 59 7.32 1.23 55.93
N VAL D 60 7.76 2.47 56.09
CA VAL D 60 7.94 3.38 54.98
C VAL D 60 9.43 3.63 54.77
N ASP D 61 9.88 3.48 53.52
CA ASP D 61 11.28 3.74 53.19
C ASP D 61 11.40 4.94 52.27
N VAL D 62 11.83 6.08 52.83
CA VAL D 62 12.02 7.29 52.06
C VAL D 62 13.37 7.28 51.37
N LEU D 63 13.36 7.18 50.04
CA LEU D 63 14.58 7.08 49.26
C LEU D 63 14.67 8.21 48.23
N ARG D 64 13.57 8.91 48.01
CA ARG D 64 13.50 9.92 46.96
C ARG D 64 13.10 11.28 47.52
N PHE D 65 13.44 12.33 46.78
CA PHE D 65 13.27 13.70 47.25
C PHE D 65 12.89 14.64 46.10
N VAL D 66 12.02 15.60 46.40
CA VAL D 66 11.65 16.62 45.42
C VAL D 66 11.57 17.99 46.09
N THR D 67 12.15 18.99 45.46
CA THR D 67 12.21 20.33 46.04
C THR D 67 10.86 21.03 46.01
N SER D 68 10.62 21.88 46.99
CA SER D 68 9.36 22.62 47.08
C SER D 68 9.07 23.35 45.77
N GLN D 69 10.11 23.88 45.16
CA GLN D 69 9.97 24.68 43.93
C GLN D 69 9.35 23.84 42.82
N TYR D 70 9.80 22.59 42.68
CA TYR D 70 9.30 21.72 41.63
C TYR D 70 7.89 21.21 41.91
N LEU D 71 7.57 21.00 43.18
CA LEU D 71 6.22 20.59 43.57
C LEU D 71 5.22 21.70 43.23
N GLU D 72 5.65 22.95 43.40
CA GLU D 72 4.80 24.09 43.09
C GLU D 72 4.47 24.16 41.60
N VAL D 73 5.48 23.95 40.76
CA VAL D 73 5.32 24.11 39.33
C VAL D 73 4.73 22.88 38.64
N PHE D 74 5.33 21.72 38.90
CA PHE D 74 4.96 20.50 38.19
C PHE D 74 4.25 19.47 39.06
N GLY D 75 3.85 19.86 40.28
CA GLY D 75 3.20 18.95 41.18
C GLY D 75 1.70 18.89 41.00
N THR D 76 1.25 19.08 39.77
CA THR D 76 -0.18 19.13 39.47
C THR D 76 -0.79 17.75 39.26
N CYS D 77 0.00 16.83 38.70
CA CYS D 77 -0.49 15.51 38.35
C CYS D 77 -0.81 14.66 39.59
N LEU D 78 -0.51 15.19 40.78
CA LEU D 78 -0.84 14.50 42.02
C LEU D 78 -2.25 14.85 42.47
N THR D 79 -2.97 13.86 42.98
CA THR D 79 -4.34 14.06 43.47
C THR D 79 -4.38 13.84 44.98
N LYS D 80 -4.51 14.93 45.73
CA LYS D 80 -4.43 14.86 47.18
C LYS D 80 -5.61 14.09 47.77
N VAL D 81 -5.32 13.26 48.77
CA VAL D 81 -6.34 12.47 49.45
C VAL D 81 -6.47 12.88 50.91
N LEU D 82 -5.35 13.21 51.54
CA LEU D 82 -5.35 13.54 52.97
C LEU D 82 -4.05 14.19 53.41
N SER D 83 -4.16 15.13 54.35
CA SER D 83 -3.00 15.79 54.91
C SER D 83 -3.17 15.95 56.41
N GLY D 84 -2.06 16.06 57.13
CA GLY D 84 -2.09 16.20 58.57
C GLY D 84 -0.72 16.05 59.21
N SER D 85 -0.64 16.34 60.50
CA SER D 85 0.62 16.25 61.23
C SER D 85 0.88 14.84 61.73
N LEU D 86 2.15 14.46 61.79
CA LEU D 86 2.55 13.13 62.22
C LEU D 86 2.90 13.09 63.70
N CYS D 87 2.36 12.11 64.42
CA CYS D 87 2.74 11.87 65.80
C CYS D 87 4.02 11.04 65.82
N ILE D 88 4.94 11.38 66.72
CA ILE D 88 6.17 10.61 66.87
C ILE D 88 6.06 9.65 68.04
N ARG D 89 5.81 8.38 67.74
CA ARG D 89 5.67 7.34 68.76
C ARG D 89 7.03 6.96 69.34
N SER D 90 8.08 7.15 68.54
CA SER D 90 9.43 6.81 68.97
C SER D 90 10.45 7.56 68.11
N ASP D 91 11.35 8.28 68.77
CA ASP D 91 12.33 9.09 68.06
C ASP D 91 13.74 8.51 68.20
N VAL D 92 14.23 7.90 67.12
CA VAL D 92 15.58 7.37 67.09
C VAL D 92 16.55 8.41 66.53
N ASP D 93 16.18 9.00 65.41
CA ASP D 93 17.03 9.98 64.74
C ASP D 93 16.20 10.91 63.86
N MET D 94 15.00 11.24 64.32
CA MET D 94 14.10 12.12 63.58
C MET D 94 14.71 13.50 63.36
N THR D 95 15.56 13.92 64.29
CA THR D 95 16.16 15.25 64.22
C THR D 95 17.00 15.42 62.96
N HIS D 96 17.81 14.41 62.67
CA HIS D 96 18.64 14.42 61.46
C HIS D 96 17.77 14.54 60.22
N PHE D 97 16.67 13.78 60.20
CA PHE D 97 15.73 13.82 59.10
C PHE D 97 15.19 15.23 58.90
N LYS D 98 14.88 15.91 59.99
CA LYS D 98 14.38 17.28 59.95
C LYS D 98 15.40 18.23 59.33
N ASN D 99 16.67 17.99 59.61
CA ASN D 99 17.74 18.86 59.13
C ASN D 99 18.03 18.69 57.63
N ILE D 100 17.87 17.48 57.13
CA ILE D 100 18.07 17.22 55.71
C ILE D 100 16.93 17.86 54.90
N LEU D 101 15.70 17.67 55.36
CA LEU D 101 14.54 18.23 54.68
C LEU D 101 14.64 19.75 54.55
N ASN D 102 14.95 20.41 55.67
CA ASN D 102 15.09 21.86 55.69
C ASN D 102 16.27 22.33 54.85
N ARG D 103 17.34 21.54 54.86
CA ARG D 103 18.55 21.88 54.12
C ARG D 103 18.29 21.81 52.61
N GLY D 104 17.27 21.05 52.22
CA GLY D 104 16.97 20.85 50.81
C GLY D 104 15.76 21.63 50.32
N ASN D 105 15.11 22.36 51.22
CA ASN D 105 13.93 23.13 50.85
C ASN D 105 12.94 22.30 50.05
N GLY D 106 12.79 21.03 50.41
CA GLY D 106 11.91 20.13 49.70
C GLY D 106 11.25 19.12 50.60
N ALA D 107 10.78 18.03 50.02
CA ALA D 107 10.06 16.99 50.76
C ALA D 107 10.45 15.61 50.27
N GLY D 108 10.51 14.66 51.19
CA GLY D 108 10.73 13.27 50.83
C GLY D 108 9.48 12.72 50.19
N ILE D 109 9.64 11.98 49.10
CA ILE D 109 8.49 11.46 48.38
C ILE D 109 8.59 9.94 48.19
N VAL D 110 7.43 9.29 48.29
CA VAL D 110 7.35 7.84 48.10
C VAL D 110 6.26 7.51 47.09
N LEU D 111 6.67 7.17 45.87
CA LEU D 111 5.72 6.77 44.83
C LEU D 111 5.40 5.29 44.98
N GLY D 112 4.28 5.00 45.63
CA GLY D 112 3.89 3.63 45.92
C GLY D 112 2.92 3.05 44.92
N SER D 113 2.56 1.79 45.11
CA SER D 113 1.64 1.10 44.22
C SER D 113 0.19 1.48 44.49
N ASN D 114 -0.11 1.87 45.72
CA ASN D 114 -1.48 2.18 46.11
C ASN D 114 -1.64 3.57 46.71
N TYR D 115 -0.56 4.35 46.74
CA TYR D 115 -0.60 5.71 47.27
C TYR D 115 0.71 6.43 47.03
N THR D 116 0.72 7.72 47.36
CA THR D 116 1.91 8.55 47.22
C THR D 116 2.07 9.41 48.47
N LEU D 117 3.29 9.44 49.02
CA LEU D 117 3.54 10.14 50.28
C LEU D 117 4.50 11.31 50.13
N LEU D 118 4.18 12.42 50.78
CA LEU D 118 5.11 13.54 50.91
C LEU D 118 5.37 13.82 52.37
N LEU D 119 6.64 13.88 52.75
CA LEU D 119 7.02 14.24 54.11
C LEU D 119 7.85 15.51 54.10
N PHE D 120 7.37 16.54 54.79
CA PHE D 120 8.12 17.79 54.92
C PHE D 120 8.00 18.34 56.34
N THR D 121 8.70 19.43 56.61
CA THR D 121 8.70 20.04 57.93
C THR D 121 7.70 21.20 57.99
N GLU D 122 7.29 21.56 59.19
CA GLU D 122 6.37 22.67 59.38
C GLU D 122 7.08 24.01 59.12
N ASP D 123 8.39 23.95 58.88
CA ASP D 123 9.17 25.14 58.56
C ASP D 123 9.08 25.46 57.07
N ASN D 124 8.59 24.50 56.29
CA ASN D 124 8.47 24.67 54.85
C ASN D 124 7.22 25.46 54.50
N ASN D 125 7.36 26.77 54.34
CA ASN D 125 6.23 27.63 54.04
C ASN D 125 5.58 27.29 52.70
N ALA D 126 6.41 27.00 51.70
CA ALA D 126 5.92 26.67 50.37
C ALA D 126 4.89 25.55 50.41
N LEU D 127 5.29 24.41 50.96
CA LEU D 127 4.44 23.23 50.97
C LEU D 127 3.27 23.35 51.95
N MET D 128 3.56 23.83 53.15
CA MET D 128 2.52 24.04 54.16
C MET D 128 1.33 24.78 53.56
N ASN D 129 1.60 25.67 52.61
CA ASN D 129 0.55 26.42 51.93
C ASN D 129 -0.02 25.65 50.75
N LEU D 130 0.86 25.06 49.95
CA LEU D 130 0.48 24.40 48.72
C LEU D 130 -0.61 23.35 48.94
N TYR D 131 -0.53 22.63 50.06
CA TYR D 131 -1.47 21.55 50.33
C TYR D 131 -2.38 21.88 51.52
N ASP D 132 -2.48 23.16 51.83
CA ASP D 132 -3.37 23.61 52.90
C ASP D 132 -3.26 22.75 54.14
N CYS D 133 -2.05 22.69 54.70
CA CYS D 133 -1.80 21.92 55.90
C CYS D 133 -2.22 22.70 57.15
N GLN D 134 -3.40 22.36 57.68
CA GLN D 134 -3.89 22.97 58.91
C GLN D 134 -4.29 21.90 59.91
N GLY D 135 -4.55 22.32 61.13
CA GLY D 135 -5.04 21.41 62.15
C GLY D 135 -4.07 21.21 63.30
N GLN D 136 -4.23 20.10 64.00
CA GLN D 136 -3.42 19.78 65.16
C GLN D 136 -1.95 19.61 64.78
N SER D 137 -1.06 20.06 65.66
CA SER D 137 0.38 19.99 65.40
C SER D 137 1.03 19.00 66.36
N ASN D 138 1.19 17.77 65.90
CA ASN D 138 1.70 16.68 66.74
C ASN D 138 3.22 16.64 66.75
N SER D 139 3.85 17.22 65.73
CA SER D 139 5.29 17.24 65.62
C SER D 139 5.70 18.17 64.49
N PRO D 140 7.00 18.47 64.38
CA PRO D 140 7.46 19.35 63.30
C PRO D 140 7.37 18.71 61.91
N PHE D 141 6.70 17.57 61.79
CA PHE D 141 6.59 16.88 60.51
C PHE D 141 5.14 16.76 60.03
N TRP D 142 4.94 17.03 58.75
CA TRP D 142 3.62 16.93 58.14
C TRP D 142 3.67 15.97 56.95
N MET D 143 2.66 15.11 56.84
CA MET D 143 2.58 14.18 55.72
C MET D 143 1.33 14.45 54.90
N VAL D 144 1.43 14.19 53.59
CA VAL D 144 0.30 14.32 52.69
C VAL D 144 0.20 13.05 51.87
N ILE D 145 -1.02 12.56 51.67
CA ILE D 145 -1.24 11.33 50.91
C ILE D 145 -1.99 11.61 49.61
N PHE D 146 -1.35 11.30 48.50
CA PHE D 146 -1.98 11.42 47.19
C PHE D 146 -2.30 10.04 46.65
N GLU D 147 -3.09 9.98 45.58
CA GLU D 147 -3.35 8.73 44.91
C GLU D 147 -2.07 8.28 44.21
N PRO D 148 -1.98 6.98 43.88
CA PRO D 148 -0.77 6.47 43.24
C PRO D 148 -0.65 6.89 41.78
N LEU D 149 0.57 7.07 41.30
CA LEU D 149 0.81 7.34 39.88
C LEU D 149 0.81 6.02 39.13
N GLU D 150 0.56 6.09 37.82
CA GLU D 150 0.55 4.90 36.98
C GLU D 150 1.85 4.12 37.13
N SER D 151 1.74 2.80 37.23
CA SER D 151 2.91 1.94 37.36
C SER D 151 4.02 2.35 36.40
N ILE D 152 3.67 2.50 35.13
CA ILE D 152 4.64 2.87 34.11
C ILE D 152 5.32 4.20 34.41
N LEU D 153 4.55 5.16 34.93
CA LEU D 153 5.08 6.49 35.22
C LEU D 153 6.06 6.43 36.40
N VAL D 154 5.77 5.61 37.39
CA VAL D 154 6.67 5.43 38.52
C VAL D 154 7.98 4.83 38.05
N GLU D 155 7.88 3.84 37.17
CA GLU D 155 9.07 3.20 36.59
C GLU D 155 9.98 4.24 35.97
N TRP D 156 9.42 5.07 35.08
CA TRP D 156 10.19 6.10 34.41
C TRP D 156 10.87 7.03 35.41
N SER D 157 10.19 7.29 36.53
CA SER D 157 10.71 8.18 37.54
C SER D 157 11.94 7.55 38.20
N ALA D 158 11.80 6.29 38.58
CA ALA D 158 12.89 5.55 39.22
C ALA D 158 14.14 5.54 38.34
N LYS D 159 13.93 5.62 37.03
CA LYS D 159 15.02 5.45 36.06
C LYS D 159 15.41 6.78 35.44
N ASN D 160 15.22 7.87 36.16
CA ASN D 160 15.39 9.21 35.60
C ASN D 160 16.77 9.81 35.85
N LEU D 161 17.74 8.98 36.20
CA LEU D 161 19.08 9.45 36.51
C LEU D 161 19.70 10.17 35.32
N ARG D 162 19.90 9.44 34.23
CA ARG D 162 20.51 9.99 33.03
C ARG D 162 20.03 9.24 31.78
N PRO D 163 20.01 9.93 30.64
CA PRO D 163 19.57 9.35 29.36
C PRO D 163 20.65 8.50 28.70
N LYS D 164 20.24 7.46 27.98
CA LYS D 164 21.19 6.66 27.21
C LYS D 164 21.84 7.55 26.15
N LYS D 165 21.01 8.30 25.43
CA LYS D 165 21.48 9.20 24.39
C LYS D 165 21.51 10.62 24.93
N PRO D 166 22.72 11.15 25.19
CA PRO D 166 22.87 12.45 25.85
C PRO D 166 22.53 13.63 24.94
N TYR D 167 21.91 14.66 25.50
CA TYR D 167 21.63 15.88 24.75
C TYR D 167 22.79 16.86 24.85
N HIS D 168 23.28 17.31 23.70
CA HIS D 168 24.36 18.29 23.65
C HIS D 168 23.82 19.63 23.19
N LYS D 169 24.20 20.70 23.87
CA LYS D 169 23.64 22.02 23.59
C LYS D 169 24.07 22.56 22.22
N SER D 170 25.01 21.90 21.58
CA SER D 170 25.42 22.28 20.22
C SER D 170 24.24 22.13 19.27
N GLN D 171 23.44 21.09 19.48
CA GLN D 171 22.24 20.86 18.69
C GLN D 171 21.01 21.46 19.37
N SER D 172 20.00 21.80 18.60
CA SER D 172 18.74 22.28 19.16
C SER D 172 18.04 21.11 19.85
N TYR D 173 17.28 21.41 20.89
CA TYR D 173 16.60 20.37 21.65
C TYR D 173 15.51 19.72 20.80
N LEU D 174 14.99 20.46 19.83
CA LEU D 174 13.96 19.93 18.94
C LEU D 174 14.52 18.79 18.09
N SER D 175 15.70 18.99 17.51
CA SER D 175 16.33 17.95 16.71
C SER D 175 16.71 16.76 17.58
N TYR D 176 17.06 17.04 18.84
CA TYR D 176 17.40 15.99 19.79
C TYR D 176 16.18 15.14 20.09
N LEU D 177 15.01 15.78 20.14
CA LEU D 177 13.76 15.06 20.34
C LEU D 177 13.44 14.20 19.13
N LEU D 178 13.77 14.70 17.94
CA LEU D 178 13.64 13.92 16.71
C LEU D 178 14.65 12.79 16.70
N GLN D 179 15.81 13.04 17.32
CA GLN D 179 16.85 12.02 17.45
C GLN D 179 16.35 10.88 18.32
N LEU D 180 15.63 11.22 19.39
CA LEU D 180 15.01 10.23 20.25
C LEU D 180 13.86 9.55 19.51
N GLY D 181 13.27 10.26 18.55
CA GLY D 181 12.20 9.71 17.74
C GLY D 181 12.73 8.88 16.60
N HIS D 182 14.04 8.61 16.63
CA HIS D 182 14.71 7.79 15.62
C HIS D 182 14.93 8.51 14.28
N ILE D 183 14.63 9.79 14.25
CA ILE D 183 14.99 10.62 13.09
C ILE D 183 16.24 11.43 13.41
N ASP D 184 17.39 10.85 13.12
CA ASP D 184 18.68 11.45 13.49
C ASP D 184 19.26 12.27 12.34
N LEU D 185 19.09 13.57 12.40
CA LEU D 185 19.52 14.47 11.33
C LEU D 185 21.03 14.73 11.36
N HIS D 186 21.63 14.66 12.54
CA HIS D 186 23.06 14.89 12.67
C HIS D 186 23.87 13.72 12.14
N LYS D 187 23.36 12.52 12.36
CA LYS D 187 24.08 11.32 11.95
C LYS D 187 24.22 11.24 10.43
N ILE D 188 23.34 11.93 9.72
CA ILE D 188 23.39 11.92 8.25
C ILE D 188 24.07 13.18 7.70
N GLY D 189 24.59 14.01 8.61
CA GLY D 189 25.34 15.19 8.22
C GLY D 189 24.47 16.27 7.61
N ALA D 190 23.19 16.28 7.95
CA ALA D 190 22.25 17.24 7.39
C ALA D 190 22.53 18.67 7.87
N PHE D 191 23.18 18.80 9.02
CA PHE D 191 23.45 20.12 9.60
C PHE D 191 24.73 20.74 9.05
N GLN D 192 25.32 20.09 8.05
CA GLN D 192 26.43 20.68 7.30
C GLN D 192 25.95 21.06 5.90
N ALA D 193 24.65 20.91 5.68
CA ALA D 193 24.06 21.20 4.37
C ALA D 193 24.14 22.70 4.06
N THR D 194 24.38 23.01 2.80
CA THR D 194 24.38 24.40 2.35
C THR D 194 22.97 24.79 1.93
N GLN D 195 22.08 23.80 1.85
CA GLN D 195 20.71 24.05 1.43
C GLN D 195 19.81 22.86 1.80
N ILE D 196 18.63 23.16 2.35
CA ILE D 196 17.67 22.13 2.70
C ILE D 196 16.41 22.28 1.86
N LEU D 197 15.96 21.18 1.27
CA LEU D 197 14.74 21.16 0.48
C LEU D 197 13.73 20.17 1.06
N ILE D 198 12.52 20.64 1.34
CA ILE D 198 11.51 19.81 1.98
C ILE D 198 10.22 19.78 1.15
N VAL D 199 9.70 18.59 0.90
CA VAL D 199 8.45 18.42 0.17
C VAL D 199 7.55 17.42 0.89
N SER D 200 6.23 17.56 0.69
CA SER D 200 5.27 16.70 1.35
C SER D 200 3.84 16.99 0.87
N LYS D 201 2.96 16.01 1.01
CA LYS D 201 1.53 16.23 0.80
C LYS D 201 0.96 16.91 2.04
N GLN D 202 -0.28 17.37 1.94
CA GLN D 202 -0.94 18.02 3.07
C GLN D 202 -2.02 17.13 3.67
N PRO D 203 -2.23 17.23 4.99
CA PRO D 203 -1.53 18.14 5.90
C PRO D 203 -0.11 17.67 6.20
N SER D 204 0.79 18.62 6.45
CA SER D 204 2.20 18.31 6.60
C SER D 204 2.79 18.78 7.93
N PRO D 205 2.23 18.29 9.04
CA PRO D 205 2.80 18.64 10.35
C PRO D 205 4.27 18.27 10.47
N GLU D 206 4.64 17.10 9.94
CA GLU D 206 6.02 16.64 10.01
C GLU D 206 6.94 17.50 9.17
N ALA D 207 6.54 17.76 7.92
CA ALA D 207 7.35 18.59 7.03
C ALA D 207 7.57 19.97 7.64
N GLU D 208 6.52 20.52 8.23
CA GLU D 208 6.59 21.84 8.85
C GLU D 208 7.52 21.82 10.05
N GLU D 209 7.55 20.70 10.76
CA GLU D 209 8.40 20.55 11.93
C GLU D 209 9.87 20.53 11.54
N LEU D 210 10.20 19.83 10.46
CA LEU D 210 11.57 19.81 9.94
C LEU D 210 12.03 21.24 9.70
N GLU D 211 11.25 21.98 8.92
CA GLU D 211 11.58 23.35 8.57
C GLU D 211 11.95 24.15 9.82
N ASP D 212 11.12 24.05 10.86
CA ASP D 212 11.39 24.72 12.12
C ASP D 212 12.77 24.33 12.66
N THR D 213 13.09 23.05 12.55
CA THR D 213 14.33 22.51 13.10
C THR D 213 15.56 23.10 12.40
N PHE D 214 15.51 23.14 11.07
CA PHE D 214 16.63 23.60 10.28
C PHE D 214 16.78 25.12 10.30
N ARG D 215 15.66 25.83 10.35
CA ARG D 215 15.69 27.28 10.41
C ARG D 215 16.26 27.75 11.74
N GLU D 216 16.05 26.96 12.79
CA GLU D 216 16.62 27.25 14.09
C GLU D 216 18.14 27.18 14.03
N ALA D 217 18.64 26.31 13.15
CA ALA D 217 20.08 26.14 12.98
C ALA D 217 20.64 27.16 12.00
N ALA D 218 19.78 28.04 11.51
CA ALA D 218 20.19 29.10 10.60
C ALA D 218 20.68 28.55 9.26
N ILE D 219 20.16 27.38 8.90
CA ILE D 219 20.47 26.77 7.61
C ILE D 219 19.35 27.08 6.62
N PRO D 220 19.70 27.57 5.42
CA PRO D 220 18.68 27.92 4.42
C PRO D 220 17.73 26.77 4.15
N THR D 221 16.43 27.05 4.09
CA THR D 221 15.43 26.02 3.93
C THR D 221 14.28 26.45 3.04
N PHE D 222 14.06 25.70 1.96
CA PHE D 222 12.89 25.91 1.11
C PHE D 222 11.95 24.70 1.24
N ARG D 223 10.65 24.98 1.31
CA ARG D 223 9.66 23.93 1.45
C ARG D 223 8.44 24.17 0.56
N GLY D 224 8.35 23.40 -0.50
CA GLY D 224 7.25 23.52 -1.45
C GLY D 224 7.35 22.45 -2.53
N LEU D 225 6.27 22.29 -3.30
CA LEU D 225 6.23 21.26 -4.34
C LEU D 225 7.04 21.66 -5.57
N GLU D 226 7.11 22.95 -5.85
CA GLU D 226 7.89 23.45 -6.98
C GLU D 226 9.07 24.28 -6.47
N ILE D 227 10.27 23.86 -6.87
CA ILE D 227 11.50 24.46 -6.36
C ILE D 227 12.32 25.08 -7.47
N PRO D 228 12.68 26.36 -7.31
CA PRO D 228 13.56 27.04 -8.27
C PRO D 228 14.84 26.26 -8.53
N GLU D 229 15.25 26.18 -9.80
CA GLU D 229 16.44 25.45 -10.18
C GLU D 229 17.66 25.92 -9.41
N SER D 230 17.73 27.21 -9.13
CA SER D 230 18.89 27.80 -8.48
C SER D 230 19.18 27.20 -7.11
N LEU D 231 18.16 26.59 -6.50
CA LEU D 231 18.32 26.04 -5.16
C LEU D 231 18.99 24.67 -5.17
N PHE D 232 19.31 24.16 -6.35
CA PHE D 232 20.03 22.89 -6.46
C PHE D 232 21.51 23.12 -6.75
N LEU D 233 21.91 24.38 -6.93
CA LEU D 233 23.27 24.69 -7.34
C LEU D 233 24.24 24.76 -6.17
N SER D 234 23.73 24.73 -4.96
CA SER D 234 24.57 24.78 -3.77
C SER D 234 25.52 23.58 -3.75
N GLN D 235 26.54 23.63 -2.90
CA GLN D 235 27.57 22.60 -2.88
C GLN D 235 27.11 21.30 -2.22
N ASN D 236 26.31 21.41 -1.17
CA ASN D 236 25.87 20.25 -0.41
C ASN D 236 24.37 20.33 -0.11
N VAL D 237 23.55 19.99 -1.10
CA VAL D 237 22.11 20.12 -0.97
C VAL D 237 21.44 18.86 -0.43
N PHE D 238 20.52 19.03 0.50
CA PHE D 238 19.73 17.93 1.03
C PHE D 238 18.27 18.05 0.58
N VAL D 239 17.67 16.93 0.21
CA VAL D 239 16.27 16.90 -0.17
C VAL D 239 15.51 15.92 0.72
N PHE D 240 14.51 16.43 1.43
CA PHE D 240 13.74 15.60 2.35
C PHE D 240 12.31 15.39 1.85
N LEU D 241 12.01 14.15 1.47
CA LEU D 241 10.67 13.77 1.05
C LEU D 241 9.92 13.11 2.20
N ASN D 242 8.76 13.64 2.53
CA ASN D 242 7.91 13.03 3.56
C ASN D 242 7.32 11.72 3.05
N VAL D 243 7.05 10.80 3.98
CA VAL D 243 6.54 9.48 3.62
C VAL D 243 5.22 9.56 2.84
N SER D 244 4.57 10.71 2.88
CA SER D 244 3.32 10.91 2.16
C SER D 244 3.55 10.90 0.65
N LEU D 245 4.78 11.17 0.23
CA LEU D 245 5.15 11.17 -1.18
C LEU D 245 5.88 9.90 -1.56
N GLU D 246 5.79 8.88 -0.71
CA GLU D 246 6.47 7.62 -0.93
C GLU D 246 5.98 6.95 -2.22
N ASP D 247 4.67 6.99 -2.46
CA ASP D 247 4.08 6.34 -3.62
C ASP D 247 4.15 7.21 -4.87
N ASP D 248 4.28 8.52 -4.69
CA ASP D 248 4.13 9.45 -5.79
C ASP D 248 5.30 10.42 -5.93
N PHE D 249 6.50 9.96 -5.61
CA PHE D 249 7.68 10.81 -5.72
C PHE D 249 8.08 11.05 -7.18
N ASP D 250 7.53 10.25 -8.08
CA ASP D 250 7.80 10.43 -9.51
C ASP D 250 6.84 11.46 -10.11
N GLN D 251 6.19 12.22 -9.25
CA GLN D 251 5.33 13.32 -9.68
C GLN D 251 6.08 14.64 -9.53
N LEU D 252 7.27 14.58 -8.92
CA LEU D 252 8.05 15.78 -8.65
C LEU D 252 8.87 16.18 -9.88
N GLN D 253 8.48 17.30 -10.49
CA GLN D 253 9.07 17.75 -11.75
C GLN D 253 10.57 18.03 -11.66
N PHE D 254 11.08 18.21 -10.45
CA PHE D 254 12.49 18.59 -10.27
C PHE D 254 13.39 17.39 -10.00
N LEU D 255 12.79 16.20 -9.92
CA LEU D 255 13.52 15.03 -9.46
C LEU D 255 14.79 14.74 -10.26
N THR D 256 14.68 14.67 -11.58
CA THR D 256 15.84 14.38 -12.43
C THR D 256 16.91 15.45 -12.28
N LEU D 257 16.51 16.71 -12.31
CA LEU D 257 17.44 17.82 -12.12
C LEU D 257 18.23 17.64 -10.82
N ALA D 258 17.52 17.32 -9.74
CA ALA D 258 18.15 17.13 -8.44
C ALA D 258 19.24 16.05 -8.52
N LYS D 259 18.92 14.94 -9.16
CA LYS D 259 19.88 13.84 -9.29
C LYS D 259 21.13 14.30 -10.01
N ARG D 260 20.95 15.05 -11.10
CA ARG D 260 22.07 15.56 -11.88
C ARG D 260 22.97 16.47 -11.06
N LYS D 261 22.40 17.09 -10.02
CA LYS D 261 23.13 18.08 -9.23
C LYS D 261 23.64 17.52 -7.90
N SER D 262 23.76 16.20 -7.81
CA SER D 262 24.36 15.56 -6.64
C SER D 262 23.69 15.98 -5.34
N CYS D 263 22.38 15.81 -5.25
CA CYS D 263 21.65 16.08 -4.02
C CYS D 263 21.44 14.79 -3.25
N LYS D 264 21.54 14.85 -1.93
CA LYS D 264 21.28 13.69 -1.09
C LYS D 264 19.78 13.64 -0.75
N PHE D 265 19.16 12.48 -0.97
CA PHE D 265 17.73 12.33 -0.75
C PHE D 265 17.45 11.49 0.50
N PHE D 266 16.36 11.80 1.18
CA PHE D 266 15.92 11.02 2.33
C PHE D 266 14.41 10.99 2.47
N LEU D 267 13.86 9.81 2.74
CA LEU D 267 12.47 9.69 3.15
C LEU D 267 12.36 9.85 4.66
N PHE D 268 11.52 10.76 5.11
CA PHE D 268 11.34 10.99 6.55
C PHE D 268 9.86 10.97 6.92
N GLY D 269 9.56 10.50 8.13
CA GLY D 269 8.20 10.56 8.63
C GLY D 269 7.72 9.29 9.29
N LEU D 270 6.53 9.37 9.87
CA LEU D 270 5.92 8.27 10.60
C LEU D 270 5.45 7.18 9.62
N SER D 271 5.81 5.93 9.92
CA SER D 271 5.35 4.79 9.13
C SER D 271 5.10 3.57 10.01
N LEU D 272 4.17 2.72 9.58
CA LEU D 272 3.74 1.57 10.38
C LEU D 272 3.73 0.30 9.54
N PRO D 273 4.93 -0.17 9.11
CA PRO D 273 5.02 -1.32 8.22
C PRO D 273 4.31 -2.56 8.78
N LEU D 274 4.41 -2.76 10.09
CA LEU D 274 3.76 -3.89 10.75
C LEU D 274 2.50 -3.41 11.46
N LYS D 275 1.34 -3.86 10.99
CA LYS D 275 0.07 -3.46 11.59
C LYS D 275 -0.91 -4.63 11.63
N SER D 276 -1.18 -5.12 12.84
CA SER D 276 -2.10 -6.23 13.03
C SER D 276 -2.91 -6.06 14.30
N LEU D 296 24.42 2.49 13.63
CA LEU D 296 22.98 2.68 13.64
C LEU D 296 22.65 4.12 13.25
N THR D 297 22.79 4.41 11.96
CA THR D 297 22.64 5.77 11.45
C THR D 297 21.20 6.13 11.11
N TYR D 298 20.48 5.17 10.55
CA TYR D 298 19.11 5.43 10.10
C TYR D 298 18.09 4.72 10.96
N SER D 299 16.82 4.89 10.60
CA SER D 299 15.73 4.20 11.26
C SER D 299 14.60 4.03 10.26
N GLN D 300 13.47 3.51 10.73
CA GLN D 300 12.31 3.27 9.88
C GLN D 300 11.69 4.60 9.45
N TYR D 301 12.02 5.66 10.19
CA TYR D 301 11.41 6.96 9.97
C TYR D 301 12.34 7.95 9.27
N LEU D 302 13.56 7.51 8.96
CA LEU D 302 14.51 8.34 8.24
C LEU D 302 15.41 7.45 7.39
N ARG D 303 15.20 7.50 6.08
CA ARG D 303 15.81 6.54 5.17
C ARG D 303 16.34 7.22 3.90
N PRO D 304 17.49 6.76 3.39
CA PRO D 304 18.09 7.35 2.19
C PRO D 304 17.40 6.93 0.89
N MET D 305 17.51 7.76 -0.13
CA MET D 305 16.99 7.45 -1.47
C MET D 305 18.06 7.71 -2.51
N PHE D 306 18.02 6.96 -3.61
CA PHE D 306 18.91 7.19 -4.74
C PHE D 306 20.35 7.32 -4.29
N PRO D 307 20.85 6.32 -3.55
CA PRO D 307 22.18 6.34 -2.93
C PRO D 307 23.33 6.50 -3.91
N LYS D 308 23.42 5.62 -4.91
CA LYS D 308 24.53 5.68 -5.85
C LYS D 308 24.28 4.83 -7.10
N GLY D 309 25.27 4.80 -7.98
CA GLY D 309 25.20 4.01 -9.20
C GLY D 309 24.02 4.37 -10.08
N GLY D 310 23.57 3.40 -10.88
CA GLY D 310 22.43 3.62 -11.75
C GLY D 310 21.99 2.36 -12.48
N VAL D 311 20.94 2.49 -13.27
CA VAL D 311 20.41 1.38 -14.05
C VAL D 311 20.19 1.81 -15.49
N VAL D 312 20.85 1.12 -16.43
CA VAL D 312 20.68 1.41 -17.84
C VAL D 312 19.77 0.38 -18.50
N SER D 313 18.94 0.84 -19.42
CA SER D 313 18.09 -0.06 -20.18
C SER D 313 17.84 0.53 -21.57
N VAL D 314 17.63 -0.33 -22.55
CA VAL D 314 17.51 0.09 -23.94
C VAL D 314 16.09 -0.15 -24.46
N THR D 315 15.73 0.56 -25.52
CA THR D 315 14.44 0.39 -26.16
C THR D 315 14.62 -0.29 -27.52
N LEU D 316 13.59 -1.00 -27.97
CA LEU D 316 13.66 -1.70 -29.25
C LEU D 316 14.17 -0.80 -30.36
N SER D 317 13.49 0.33 -30.57
CA SER D 317 13.84 1.26 -31.63
C SER D 317 15.31 1.68 -31.55
N ALA D 318 15.83 1.76 -30.33
CA ALA D 318 17.22 2.16 -30.12
C ALA D 318 18.18 1.05 -30.53
N LEU D 319 17.75 -0.20 -30.37
CA LEU D 319 18.57 -1.33 -30.77
C LEU D 319 18.67 -1.42 -32.30
N ILE D 320 17.58 -1.07 -32.97
CA ILE D 320 17.56 -1.10 -34.43
C ILE D 320 18.32 0.09 -35.01
N LYS D 321 18.15 1.26 -34.40
CA LYS D 321 18.79 2.48 -34.88
C LYS D 321 20.30 2.45 -34.60
N THR D 322 20.69 1.62 -33.63
CA THR D 322 22.10 1.49 -33.26
C THR D 322 22.46 0.04 -33.00
N PRO D 323 22.69 -0.74 -34.06
CA PRO D 323 23.12 -2.13 -33.91
C PRO D 323 24.41 -2.23 -33.10
N ARG D 324 24.52 -3.24 -32.25
CA ARG D 324 25.72 -3.45 -31.45
C ARG D 324 25.82 -2.37 -30.37
N LEU D 325 24.66 -1.79 -30.03
CA LEU D 325 24.60 -0.73 -29.03
C LEU D 325 25.15 -1.19 -27.69
N LEU D 326 24.89 -2.43 -27.34
CA LEU D 326 25.33 -2.99 -26.07
C LEU D 326 26.86 -3.05 -26.01
N GLU D 327 27.50 -3.21 -27.16
CA GLU D 327 28.95 -3.29 -27.25
C GLU D 327 29.61 -1.95 -26.97
N LEU D 328 28.91 -0.86 -27.30
CA LEU D 328 29.45 0.48 -27.10
C LEU D 328 29.44 0.89 -25.63
N ILE D 329 28.41 0.46 -24.91
CA ILE D 329 28.27 0.81 -23.49
C ILE D 329 28.94 -0.23 -22.60
N SER D 330 29.26 -1.38 -23.17
CA SER D 330 29.90 -2.46 -22.43
C SER D 330 31.10 -1.98 -21.60
N PRO D 331 32.00 -1.20 -22.22
CA PRO D 331 33.16 -0.71 -21.47
C PRO D 331 32.77 0.08 -20.23
N PHE D 332 31.77 0.95 -20.37
CA PHE D 332 31.28 1.75 -19.25
C PHE D 332 30.76 0.84 -18.13
N LEU D 333 30.04 -0.21 -18.51
CA LEU D 333 29.48 -1.15 -17.55
C LEU D 333 30.56 -1.72 -16.63
N GLU D 334 31.69 -2.13 -17.21
CA GLU D 334 32.78 -2.71 -16.44
C GLU D 334 33.34 -1.70 -15.45
N ILE D 335 33.59 -0.49 -15.94
CA ILE D 335 34.13 0.57 -15.09
C ILE D 335 33.24 0.75 -13.88
N LYS D 336 31.93 0.56 -14.08
CA LYS D 336 30.95 0.74 -13.01
C LYS D 336 30.23 -0.59 -12.75
N LYS D 337 30.97 -1.57 -12.27
CA LYS D 337 30.41 -2.90 -12.00
C LYS D 337 29.83 -2.97 -10.59
N ASP D 338 30.33 -2.12 -9.70
CA ASP D 338 29.94 -2.17 -8.30
C ASP D 338 28.56 -1.59 -8.04
N SER D 339 28.24 -0.49 -8.71
CA SER D 339 27.02 0.26 -8.42
C SER D 339 26.06 0.33 -9.60
N TRP D 340 26.56 0.13 -10.81
CA TRP D 340 25.74 0.21 -12.02
C TRP D 340 25.41 -1.17 -12.57
N ILE D 341 24.26 -1.28 -13.23
CA ILE D 341 23.85 -2.54 -13.85
C ILE D 341 23.06 -2.30 -15.14
N LEU D 342 23.23 -3.20 -16.10
CA LEU D 342 22.43 -3.19 -17.31
C LEU D 342 21.31 -4.21 -17.17
N ILE D 343 20.08 -3.79 -17.45
CA ILE D 343 18.92 -4.66 -17.27
C ILE D 343 18.11 -4.76 -18.56
N LEU D 344 17.74 -5.98 -18.93
CA LEU D 344 17.00 -6.23 -20.15
C LEU D 344 15.88 -7.23 -19.90
N PRO D 345 14.74 -7.05 -20.59
CA PRO D 345 13.64 -8.01 -20.46
C PRO D 345 14.06 -9.38 -20.97
N PRO D 346 13.46 -10.46 -20.45
CA PRO D 346 13.85 -11.82 -20.83
C PRO D 346 13.61 -12.11 -22.31
N SER D 347 12.47 -11.67 -22.83
CA SER D 347 12.07 -11.97 -24.20
C SER D 347 12.51 -10.90 -25.19
N ILE D 348 13.57 -10.17 -24.84
CA ILE D 348 14.04 -9.07 -25.70
C ILE D 348 14.34 -9.55 -27.11
N VAL D 349 14.98 -10.72 -27.23
CA VAL D 349 15.36 -11.25 -28.53
C VAL D 349 14.13 -11.53 -29.39
N ASP D 350 13.04 -11.95 -28.74
CA ASP D 350 11.81 -12.24 -29.46
C ASP D 350 10.99 -10.97 -29.67
N MET D 351 11.25 -9.95 -28.88
CA MET D 351 10.59 -8.66 -29.05
C MET D 351 11.11 -7.97 -30.30
N VAL D 352 12.40 -8.14 -30.57
CA VAL D 352 13.00 -7.58 -31.78
C VAL D 352 12.46 -8.31 -33.00
N LYS D 353 12.42 -9.64 -32.92
CA LYS D 353 11.94 -10.47 -34.00
C LYS D 353 10.52 -10.09 -34.43
N SER D 354 9.61 -10.07 -33.46
CA SER D 354 8.21 -9.75 -33.74
C SER D 354 8.05 -8.32 -34.24
N TYR D 355 8.50 -7.37 -33.44
CA TYR D 355 8.35 -5.94 -33.76
C TYR D 355 9.07 -5.57 -35.05
N PHE D 356 10.02 -6.40 -35.47
CA PHE D 356 10.74 -6.16 -36.71
C PHE D 356 9.88 -6.54 -37.91
N VAL D 357 9.13 -7.64 -37.78
CA VAL D 357 8.22 -8.09 -38.82
C VAL D 357 7.01 -7.17 -38.88
N THR D 358 6.63 -6.62 -37.73
CA THR D 358 5.49 -5.72 -37.64
C THR D 358 5.69 -4.49 -38.52
N ASN D 359 6.91 -3.94 -38.49
CA ASN D 359 7.22 -2.74 -39.25
C ASN D 359 7.68 -3.04 -40.67
N ASN D 360 7.86 -4.32 -40.98
CA ASN D 360 8.29 -4.74 -42.31
C ASN D 360 7.35 -5.76 -42.94
N PRO D 361 6.12 -5.33 -43.28
CA PRO D 361 5.15 -6.19 -43.97
C PRO D 361 5.68 -6.72 -45.29
N LEU D 365 17.68 -8.60 -43.83
CA LEU D 365 17.55 -9.39 -42.61
C LEU D 365 18.86 -10.08 -42.25
N LEU D 366 19.91 -9.78 -43.01
CA LEU D 366 21.22 -10.36 -42.76
C LEU D 366 21.88 -9.72 -41.54
N GLU D 367 22.11 -8.41 -41.61
CA GLU D 367 22.68 -7.68 -40.49
C GLU D 367 21.69 -7.64 -39.33
N ILE D 368 20.42 -7.86 -39.65
CA ILE D 368 19.37 -7.95 -38.62
C ILE D 368 19.45 -9.29 -37.91
N GLN D 369 19.77 -10.33 -38.66
CA GLN D 369 19.89 -11.67 -38.10
C GLN D 369 21.21 -11.81 -37.33
N ASN D 370 22.20 -11.02 -37.72
CA ASN D 370 23.48 -11.02 -37.02
C ASN D 370 23.38 -10.21 -35.72
N LEU D 371 22.59 -9.16 -35.76
CA LEU D 371 22.37 -8.32 -34.58
C LEU D 371 21.58 -9.08 -33.52
N LEU D 372 20.68 -9.94 -33.98
CA LEU D 372 19.86 -10.76 -33.08
C LEU D 372 20.74 -11.80 -32.38
N ASN D 373 21.77 -12.26 -33.09
CA ASN D 373 22.71 -13.22 -32.52
C ASN D 373 23.59 -12.56 -31.47
N THR D 374 23.94 -11.30 -31.71
CA THR D 374 24.70 -10.52 -30.74
C THR D 374 23.88 -10.31 -29.47
N LEU D 375 22.62 -9.96 -29.67
CA LEU D 375 21.70 -9.74 -28.56
C LEU D 375 21.62 -10.97 -27.66
N GLN D 376 21.17 -12.08 -28.23
CA GLN D 376 21.02 -13.33 -27.48
C GLN D 376 22.32 -13.74 -26.81
N ARG D 377 23.44 -13.33 -27.38
CA ARG D 377 24.76 -13.68 -26.84
C ARG D 377 24.97 -13.04 -25.48
N TYR D 378 24.50 -11.81 -25.32
CA TYR D 378 24.62 -11.10 -24.04
C TYR D 378 23.90 -11.84 -22.92
N LEU D 379 22.73 -12.40 -23.23
CA LEU D 379 21.93 -13.12 -22.25
C LEU D 379 22.64 -14.38 -21.78
N THR D 380 23.10 -15.19 -22.74
CA THR D 380 23.74 -16.46 -22.42
C THR D 380 25.08 -16.26 -21.71
N ASN D 381 26.02 -15.63 -22.41
CA ASN D 381 27.34 -15.41 -21.84
C ASN D 381 27.54 -13.95 -21.40
N PRO D 382 27.69 -13.74 -20.08
CA PRO D 382 27.84 -12.40 -19.51
C PRO D 382 29.26 -11.86 -19.66
N ALA D 383 29.46 -10.95 -20.62
CA ALA D 383 30.73 -10.25 -20.74
C ALA D 383 31.08 -9.64 -19.38
N LEU D 384 30.03 -9.21 -18.68
CA LEU D 384 30.17 -8.72 -17.31
C LEU D 384 29.03 -9.30 -16.47
N LYS D 385 29.23 -9.33 -15.16
CA LYS D 385 28.21 -9.85 -14.25
C LYS D 385 27.10 -8.83 -14.06
N ASN D 386 27.30 -7.63 -14.60
CA ASN D 386 26.33 -6.54 -14.48
C ASN D 386 24.97 -6.88 -15.08
N VAL D 387 24.98 -7.55 -16.22
CA VAL D 387 23.74 -7.84 -16.95
C VAL D 387 22.72 -8.55 -16.07
N THR D 388 21.50 -8.05 -16.08
CA THR D 388 20.42 -8.61 -15.29
C THR D 388 19.13 -8.63 -16.10
N LEU D 389 18.19 -9.49 -15.72
CA LEU D 389 16.93 -9.60 -16.44
C LEU D 389 15.75 -9.22 -15.55
N TYR D 390 14.87 -8.37 -16.08
CA TYR D 390 13.61 -8.07 -15.40
C TYR D 390 12.90 -9.39 -15.14
N GLN D 391 12.28 -9.52 -13.97
CA GLN D 391 11.43 -10.66 -13.70
C GLN D 391 10.16 -10.53 -14.54
N ASP D 392 9.47 -11.64 -14.75
CA ASP D 392 8.26 -11.62 -15.56
C ASP D 392 7.25 -10.63 -14.98
N TRP D 393 7.25 -10.50 -13.65
CA TRP D 393 6.31 -9.61 -12.97
C TRP D 393 6.80 -8.16 -12.93
N ASP D 394 8.02 -7.92 -13.43
CA ASP D 394 8.58 -6.57 -13.45
C ASP D 394 8.12 -5.78 -14.67
N ILE D 395 7.85 -6.47 -15.77
CA ILE D 395 7.51 -5.82 -17.03
C ILE D 395 6.12 -5.17 -16.97
N VAL D 396 6.06 -3.90 -17.36
CA VAL D 396 4.79 -3.19 -17.48
C VAL D 396 4.27 -3.30 -18.91
N ILE D 397 3.03 -3.74 -19.04
CA ILE D 397 2.42 -3.96 -20.36
C ILE D 397 2.02 -2.65 -21.01
N ASP D 398 2.05 -2.63 -22.35
CA ASP D 398 1.56 -1.49 -23.11
C ASP D 398 1.49 -1.85 -24.59
N ASP D 399 0.81 -1.01 -25.36
CA ASP D 399 0.68 -1.24 -26.80
C ASP D 399 2.02 -0.96 -27.47
N SER D 400 2.50 0.28 -27.32
CA SER D 400 3.81 0.65 -27.84
C SER D 400 4.91 -0.13 -27.12
N ALA D 401 5.78 -0.75 -27.90
CA ALA D 401 6.88 -1.53 -27.35
C ALA D 401 7.87 -0.62 -26.63
N ASP D 402 7.99 0.61 -27.09
CA ASP D 402 8.86 1.58 -26.45
C ASP D 402 8.26 2.10 -25.16
N VAL D 403 7.02 2.60 -25.25
CA VAL D 403 6.31 3.09 -24.07
C VAL D 403 6.32 2.04 -22.97
N SER D 404 6.22 0.77 -23.37
CA SER D 404 6.23 -0.33 -22.42
C SER D 404 7.54 -0.42 -21.66
N LEU D 405 8.65 -0.51 -22.41
CA LEU D 405 9.97 -0.61 -21.81
C LEU D 405 10.27 0.58 -20.90
N ALA D 406 9.69 1.74 -21.22
CA ALA D 406 9.89 2.93 -20.42
C ALA D 406 9.15 2.79 -19.10
N SER D 407 7.88 2.40 -19.17
CA SER D 407 7.07 2.23 -17.97
C SER D 407 7.66 1.20 -17.03
N THR D 408 8.38 0.23 -17.60
CA THR D 408 9.00 -0.82 -16.81
C THR D 408 10.17 -0.27 -16.01
N LEU D 409 10.94 0.63 -16.62
CA LEU D 409 12.06 1.26 -15.93
C LEU D 409 11.55 2.23 -14.87
N GLN D 410 10.43 2.88 -15.17
CA GLN D 410 9.78 3.76 -14.20
C GLN D 410 9.35 2.96 -12.99
N LEU D 411 8.86 1.75 -13.23
CA LEU D 411 8.46 0.86 -12.15
C LEU D 411 9.68 0.40 -11.36
N TYR D 412 10.78 0.18 -12.07
CA TYR D 412 11.99 -0.31 -11.43
C TYR D 412 12.54 0.75 -10.47
N GLN D 413 12.29 2.02 -10.79
CA GLN D 413 12.72 3.10 -9.92
C GLN D 413 11.94 3.05 -8.61
N LYS D 414 10.61 2.93 -8.73
CA LYS D 414 9.75 2.88 -7.55
C LYS D 414 10.16 1.77 -6.59
N LYS D 415 10.62 0.65 -7.15
CA LYS D 415 10.94 -0.52 -6.34
C LYS D 415 12.41 -0.57 -5.92
N ASN D 416 13.25 0.26 -6.53
CA ASN D 416 14.70 0.15 -6.32
C ASN D 416 15.40 1.49 -6.04
N TYR D 417 14.67 2.49 -5.56
CA TYR D 417 15.28 3.77 -5.24
C TYR D 417 16.24 3.63 -4.06
N ASP D 418 16.05 2.57 -3.28
CA ASP D 418 16.90 2.30 -2.13
C ASP D 418 18.24 1.69 -2.55
N LYS D 419 18.33 1.27 -3.81
CA LYS D 419 19.51 0.55 -4.29
C LYS D 419 20.29 1.35 -5.34
N TYR D 420 19.58 2.13 -6.16
CA TYR D 420 20.24 2.88 -7.24
C TYR D 420 19.82 4.34 -7.25
N ARG D 421 20.66 5.18 -7.85
CA ARG D 421 20.41 6.62 -7.91
C ARG D 421 19.87 7.05 -9.27
N ARG D 422 20.56 6.63 -10.33
CA ARG D 422 20.20 7.03 -11.69
C ARG D 422 19.47 5.92 -12.43
N PHE D 423 18.54 6.30 -13.29
CA PHE D 423 17.82 5.35 -14.12
C PHE D 423 17.73 5.91 -15.55
N VAL D 424 18.54 5.33 -16.44
CA VAL D 424 18.69 5.87 -17.79
C VAL D 424 18.08 4.95 -18.84
N LEU D 425 17.37 5.54 -19.79
CA LEU D 425 16.75 4.78 -20.88
C LEU D 425 17.27 5.26 -22.22
N ILE D 426 18.10 4.44 -22.86
CA ILE D 426 18.64 4.79 -24.17
C ILE D 426 17.59 4.54 -25.25
N HIS D 427 17.18 5.62 -25.92
CA HIS D 427 16.09 5.57 -26.90
C HIS D 427 16.53 6.23 -28.20
N GLU D 428 15.83 5.94 -29.30
CA GLU D 428 16.26 6.42 -30.61
C GLU D 428 15.96 7.90 -30.82
N LEU D 429 14.71 8.30 -30.63
CA LEU D 429 14.29 9.69 -30.83
C LEU D 429 13.78 10.27 -29.52
N LYS D 430 14.56 11.16 -28.93
CA LYS D 430 14.28 11.68 -27.60
C LYS D 430 12.82 12.12 -27.41
N ASN D 431 12.29 12.86 -28.38
CA ASN D 431 10.96 13.44 -28.26
C ASN D 431 9.83 12.48 -28.60
N GLU D 432 10.12 11.18 -28.59
CA GLU D 432 9.11 10.17 -28.93
C GLU D 432 8.45 9.61 -27.68
N LEU D 433 9.07 9.85 -26.53
CA LEU D 433 8.51 9.42 -25.25
C LEU D 433 8.35 10.60 -24.31
N THR D 434 7.26 10.60 -23.55
CA THR D 434 7.01 11.65 -22.57
C THR D 434 7.92 11.45 -21.35
N PRO D 435 8.68 12.48 -20.98
CA PRO D 435 9.66 12.39 -19.88
C PRO D 435 9.07 11.83 -18.59
N VAL D 436 9.83 10.95 -17.92
CA VAL D 436 9.44 10.41 -16.64
C VAL D 436 10.37 10.97 -15.55
N ASN D 437 9.79 11.45 -14.46
CA ASN D 437 10.58 12.05 -13.39
C ASN D 437 11.56 11.07 -12.76
N GLY D 438 12.81 11.51 -12.61
CA GLY D 438 13.85 10.69 -12.03
C GLY D 438 14.62 9.91 -13.09
N LEU D 439 13.98 9.65 -14.22
CA LEU D 439 14.62 8.91 -15.30
C LEU D 439 15.31 9.85 -16.29
N ASP D 440 16.36 9.35 -16.93
CA ASP D 440 17.08 10.10 -17.94
C ASP D 440 16.91 9.45 -19.31
N ILE D 441 15.85 9.84 -20.03
CA ILE D 441 15.61 9.30 -21.36
C ILE D 441 16.47 10.04 -22.38
N VAL D 442 17.46 9.35 -22.92
CA VAL D 442 18.42 9.96 -23.82
C VAL D 442 18.92 8.96 -24.86
N ASP D 443 19.21 9.45 -26.07
CA ASP D 443 19.74 8.58 -27.11
C ASP D 443 21.21 8.26 -26.85
N TYR D 444 21.79 7.40 -27.68
CA TYR D 444 23.17 6.96 -27.48
C TYR D 444 24.14 8.13 -27.42
N ASP D 445 24.02 9.06 -28.36
CA ASP D 445 24.92 10.20 -28.43
C ASP D 445 24.97 10.94 -27.10
N GLU D 446 23.81 11.11 -26.47
CA GLU D 446 23.76 11.77 -25.16
C GLU D 446 24.46 10.92 -24.12
N PHE D 447 24.07 9.64 -24.02
CA PHE D 447 24.67 8.72 -23.07
C PHE D 447 26.18 8.63 -23.29
N LYS D 448 26.60 8.82 -24.53
CA LYS D 448 28.00 8.67 -24.91
C LYS D 448 28.87 9.81 -24.35
N GLU D 449 28.34 11.03 -24.39
CA GLU D 449 29.14 12.21 -24.07
C GLU D 449 28.91 12.73 -22.64
N THR D 450 28.00 12.10 -21.92
CA THR D 450 27.66 12.59 -20.57
C THR D 450 28.06 11.58 -19.49
N PHE D 451 27.72 10.31 -19.69
CA PHE D 451 28.01 9.28 -18.70
C PHE D 451 29.37 8.63 -18.95
N MET D 452 29.70 8.43 -20.22
CA MET D 452 30.96 7.79 -20.58
C MET D 452 32.09 8.81 -20.56
N ARG D 453 31.78 10.06 -20.87
CA ARG D 453 32.76 11.13 -20.83
C ARG D 453 33.19 11.41 -19.40
N ALA D 454 32.24 11.38 -18.48
CA ALA D 454 32.51 11.64 -17.07
C ALA D 454 33.44 10.59 -16.49
N ILE D 455 33.35 9.37 -17.02
CA ILE D 455 34.18 8.27 -16.57
C ILE D 455 35.57 8.33 -17.23
N GLY D 456 35.66 9.04 -18.34
CA GLY D 456 36.90 9.14 -19.07
C GLY D 456 36.94 8.21 -20.27
N LEU D 457 35.89 7.39 -20.40
CA LEU D 457 35.80 6.45 -21.51
C LEU D 457 35.82 7.19 -22.84
#